data_5W0M
#
_entry.id   5W0M
#
_cell.length_a   135.472
_cell.length_b   135.472
_cell.length_c   179.268
_cell.angle_alpha   90.000
_cell.angle_beta   90.000
_cell.angle_gamma   120.000
#
_symmetry.space_group_name_H-M   'P 61'
#
loop_
_entity.id
_entity.type
_entity.pdbx_description
1 polymer 'Terminal uridylyltransferase 7'
2 polymer 'U5 single-stranded RNA'
3 non-polymer 'SULFATE ION'
4 non-polymer 'ZINC ION'
5 non-polymer 'IODIDE ION'
6 water water
#
loop_
_entity_poly.entity_id
_entity_poly.type
_entity_poly.pdbx_seq_one_letter_code
_entity_poly.pdbx_strand_id
1 'polypeptide(L)'
;GAGAGSKRIQLEPLPPLTPKFLNILDQVCIQCYKDFSPTIIEDQAREHIRQNLESFIRQDFPGTKLSLFGSSKNGFGFKQ
SDLAVCMTINGLETAEGLDCVRTIEELARVLRKHSGLRNILPITTAKVPIVKFFHLRSGLEVDISLYNTLALHNTRLLSA
YSAIDPRVKYLCYTMKVFTKMCDIGDASRGSLSSYAYTLMVLYFLQQRNPPVIPVLQEIYKGEKKPEIFVDGWNIYFFDQ
IDELPTYWSECGKNTESVGQLWLGLLRFYTEEFDFKEHVISIRRKSLLTTFKKQWTSKYIVIEDPFDLNHNLGAGLSRKM
TNFIMKAFINGRRVFGIPVKGFPKDYPSKMEYFFDPDVLTEGELAPNDRCCRICGKIGHFMKDCPMRRK
;
A,B,C
2 'polyribonucleotide' UUUUU H,I,J
#
# COMPACT_ATOMS: atom_id res chain seq x y z
N LEU A 11 23.41 31.74 9.75
CA LEU A 11 23.30 30.37 9.28
C LEU A 11 24.55 29.91 8.55
N GLU A 12 24.79 28.61 8.58
CA GLU A 12 25.94 28.03 7.90
C GLU A 12 25.88 28.35 6.40
N PRO A 13 26.97 28.83 5.80
CA PRO A 13 26.93 29.11 4.36
C PRO A 13 26.83 27.83 3.55
N LEU A 14 26.15 27.94 2.40
CA LEU A 14 25.92 26.75 1.57
C LEU A 14 26.99 26.64 0.49
N PRO A 15 27.48 25.45 0.19
CA PRO A 15 28.50 25.30 -0.85
C PRO A 15 27.88 25.37 -2.23
N PRO A 16 28.68 25.65 -3.26
CA PRO A 16 28.15 25.57 -4.63
C PRO A 16 27.82 24.13 -5.00
N LEU A 17 26.77 23.98 -5.81
CA LEU A 17 26.27 22.67 -6.19
C LEU A 17 26.68 22.31 -7.61
N THR A 18 26.48 21.05 -7.95
CA THR A 18 26.77 20.51 -9.27
C THR A 18 25.49 19.99 -9.93
N PRO A 19 25.49 19.87 -11.27
CA PRO A 19 24.28 19.34 -11.93
C PRO A 19 23.83 17.99 -11.41
N LYS A 20 24.76 17.09 -11.02
CA LYS A 20 24.33 15.78 -10.54
C LYS A 20 23.56 15.89 -9.23
N PHE A 21 24.01 16.75 -8.33
CA PHE A 21 23.28 16.91 -7.07
C PHE A 21 21.95 17.63 -7.31
N LEU A 22 21.93 18.60 -8.23
CA LEU A 22 20.68 19.27 -8.58
C LEU A 22 19.68 18.28 -9.17
N ASN A 23 20.17 17.38 -10.03
CA ASN A 23 19.31 16.35 -10.59
C ASN A 23 18.74 15.47 -9.49
N ILE A 24 19.55 15.15 -8.48
CA ILE A 24 19.07 14.35 -7.35
C ILE A 24 17.97 15.08 -6.61
N LEU A 25 18.13 16.38 -6.38
CA LEU A 25 17.09 17.15 -5.71
C LEU A 25 15.80 17.14 -6.52
N ASP A 26 15.90 17.35 -7.83
CA ASP A 26 14.72 17.28 -8.69
C ASP A 26 14.03 15.93 -8.54
N GLN A 27 14.81 14.84 -8.57
CA GLN A 27 14.22 13.50 -8.51
C GLN A 27 13.53 13.24 -7.18
N VAL A 28 14.13 13.68 -6.08
CA VAL A 28 13.52 13.46 -4.76
C VAL A 28 12.17 14.15 -4.68
N CYS A 29 12.09 15.41 -5.12
CA CYS A 29 10.82 16.12 -5.08
C CYS A 29 9.76 15.41 -5.90
N ILE A 30 10.11 14.96 -7.11
CA ILE A 30 9.14 14.31 -7.96
C ILE A 30 8.74 12.95 -7.35
N GLN A 31 9.67 12.29 -6.66
CA GLN A 31 9.33 11.02 -6.03
C GLN A 31 8.36 11.23 -4.86
N CYS A 32 8.44 12.36 -4.17
CA CYS A 32 7.47 12.65 -3.12
C CYS A 32 6.05 12.62 -3.68
N TYR A 33 5.88 13.12 -4.91
CA TYR A 33 4.57 13.11 -5.56
C TYR A 33 4.20 11.71 -6.00
N LYS A 34 5.12 11.02 -6.68
CA LYS A 34 4.80 9.72 -7.25
C LYS A 34 4.55 8.67 -6.16
N ASP A 35 5.28 8.76 -5.05
CA ASP A 35 5.21 7.73 -4.02
C ASP A 35 3.99 7.87 -3.13
N PHE A 36 3.49 9.09 -2.93
CA PHE A 36 2.50 9.34 -1.89
C PHE A 36 1.20 9.91 -2.43
N SER A 37 1.10 10.21 -3.71
CA SER A 37 -0.19 10.56 -4.28
C SER A 37 -1.02 9.29 -4.44
N PRO A 38 -2.34 9.35 -4.23
CA PRO A 38 -3.15 8.12 -4.38
C PRO A 38 -3.24 7.67 -5.83
N THR A 39 -3.47 6.37 -6.01
CA THR A 39 -3.79 5.88 -7.34
C THR A 39 -5.17 6.37 -7.73
N ILE A 40 -5.44 6.33 -9.03
CA ILE A 40 -6.76 6.74 -9.51
C ILE A 40 -7.84 5.82 -8.96
N ILE A 41 -7.49 4.55 -8.72
CA ILE A 41 -8.43 3.62 -8.10
C ILE A 41 -8.71 4.05 -6.66
N GLU A 42 -7.68 4.48 -5.93
CA GLU A 42 -7.89 4.91 -4.55
C GLU A 42 -8.73 6.18 -4.48
N ASP A 43 -8.56 7.09 -5.44
CA ASP A 43 -9.42 8.26 -5.49
C ASP A 43 -10.88 7.88 -5.75
N GLN A 44 -11.11 6.96 -6.69
CA GLN A 44 -12.48 6.54 -6.97
C GLN A 44 -13.12 5.93 -5.73
N ALA A 45 -12.34 5.21 -4.91
CA ALA A 45 -12.91 4.63 -3.70
C ALA A 45 -13.38 5.70 -2.73
N ARG A 46 -12.69 6.84 -2.69
CA ARG A 46 -13.13 7.94 -1.83
C ARG A 46 -14.47 8.48 -2.31
N GLU A 47 -14.65 8.57 -3.63
CA GLU A 47 -15.94 9.01 -4.16
C GLU A 47 -17.03 8.00 -3.84
N HIS A 48 -16.71 6.70 -3.87
CA HIS A 48 -17.69 5.68 -3.53
C HIS A 48 -18.10 5.78 -2.07
N ILE A 49 -17.14 6.03 -1.18
CA ILE A 49 -17.48 6.21 0.24
C ILE A 49 -18.41 7.40 0.41
N ARG A 50 -18.11 8.51 -0.27
CA ARG A 50 -18.98 9.68 -0.19
C ARG A 50 -20.40 9.32 -0.58
N GLN A 51 -20.55 8.59 -1.70
CA GLN A 51 -21.87 8.21 -2.18
C GLN A 51 -22.58 7.31 -1.17
N ASN A 52 -21.87 6.32 -0.62
CA ASN A 52 -22.47 5.42 0.36
C ASN A 52 -22.95 6.18 1.59
N LEU A 53 -22.09 7.04 2.14
CA LEU A 53 -22.47 7.79 3.33
C LEU A 53 -23.68 8.69 3.06
N GLU A 54 -23.75 9.27 1.88
CA GLU A 54 -24.84 10.19 1.56
C GLU A 54 -26.17 9.44 1.49
N SER A 55 -26.19 8.26 0.86
CA SER A 55 -27.41 7.46 0.80
C SER A 55 -27.82 6.99 2.19
N PHE A 56 -26.85 6.59 3.02
CA PHE A 56 -27.19 6.13 4.36
C PHE A 56 -27.83 7.25 5.17
N ILE A 57 -27.20 8.42 5.18
CA ILE A 57 -27.73 9.54 5.96
C ILE A 57 -29.08 9.97 5.41
N ARG A 58 -29.31 9.81 4.11
CA ARG A 58 -30.58 10.21 3.53
C ARG A 58 -31.74 9.39 4.04
N GLN A 59 -31.47 8.21 4.62
CA GLN A 59 -32.56 7.43 5.20
C GLN A 59 -33.26 8.21 6.32
N ASP A 60 -32.49 8.96 7.10
CA ASP A 60 -33.05 9.76 8.19
C ASP A 60 -33.21 11.23 7.82
N PHE A 61 -32.30 11.76 7.00
CA PHE A 61 -32.28 13.17 6.62
C PHE A 61 -32.35 13.28 5.10
N PRO A 62 -33.54 13.11 4.51
CA PRO A 62 -33.65 13.31 3.07
C PRO A 62 -33.18 14.70 2.70
N GLY A 63 -32.66 14.82 1.48
CA GLY A 63 -32.09 16.08 1.04
C GLY A 63 -30.66 16.30 1.47
N THR A 64 -30.07 15.39 2.24
CA THR A 64 -28.68 15.54 2.64
C THR A 64 -27.79 15.53 1.39
N LYS A 65 -26.81 16.42 1.38
CA LYS A 65 -25.80 16.44 0.33
C LYS A 65 -24.43 16.38 0.99
N LEU A 66 -23.58 15.47 0.52
CA LEU A 66 -22.20 15.37 0.99
C LEU A 66 -21.28 15.74 -0.15
N SER A 67 -20.32 16.63 0.14
CA SER A 67 -19.33 17.08 -0.83
C SER A 67 -17.93 16.87 -0.25
N LEU A 68 -17.06 16.23 -1.03
CA LEU A 68 -15.67 16.09 -0.63
C LEU A 68 -14.95 17.41 -0.85
N PHE A 69 -14.04 17.74 0.07
CA PHE A 69 -13.20 18.92 -0.08
C PHE A 69 -11.84 18.60 0.52
N GLY A 70 -11.01 19.63 0.67
CA GLY A 70 -9.69 19.43 1.25
C GLY A 70 -8.77 18.69 0.31
N SER A 71 -7.82 17.96 0.88
CA SER A 71 -6.76 17.36 0.08
C SER A 71 -7.28 16.24 -0.81
N SER A 72 -8.45 15.68 -0.49
CA SER A 72 -9.05 14.70 -1.38
C SER A 72 -9.44 15.32 -2.72
N LYS A 73 -9.55 16.64 -2.80
CA LYS A 73 -10.03 17.30 -4.01
C LYS A 73 -9.21 18.48 -4.49
N ASN A 74 -8.22 18.94 -3.72
CA ASN A 74 -7.50 20.15 -4.07
C ASN A 74 -6.21 19.88 -4.86
N GLY A 75 -5.94 18.62 -5.19
CA GLY A 75 -4.79 18.24 -5.98
C GLY A 75 -3.57 17.82 -5.19
N PHE A 76 -3.64 17.81 -3.85
CA PHE A 76 -2.46 17.54 -3.03
C PHE A 76 -2.69 16.40 -2.03
N GLY A 77 -3.64 15.52 -2.29
CA GLY A 77 -3.96 14.47 -1.32
C GLY A 77 -2.88 13.41 -1.22
N PHE A 78 -2.74 12.85 -0.02
CA PHE A 78 -1.89 11.71 0.25
C PHE A 78 -2.69 10.42 0.33
N LYS A 79 -2.00 9.32 0.09
CA LYS A 79 -2.53 8.03 0.45
C LYS A 79 -2.82 8.07 1.95
N GLN A 80 -3.99 7.57 2.35
CA GLN A 80 -4.41 7.51 3.74
C GLN A 80 -4.76 8.86 4.35
N SER A 81 -4.87 9.92 3.55
CA SER A 81 -5.36 11.19 4.09
C SER A 81 -6.79 11.02 4.57
N ASP A 82 -7.13 11.74 5.64
CA ASP A 82 -8.51 11.78 6.09
C ASP A 82 -9.44 12.22 4.96
N LEU A 83 -10.68 11.76 5.02
CA LEU A 83 -11.70 12.12 4.05
C LEU A 83 -12.50 13.29 4.60
N ALA A 84 -12.29 14.48 4.03
CA ALA A 84 -12.99 15.69 4.46
C ALA A 84 -14.31 15.82 3.70
N VAL A 85 -15.43 15.83 4.44
CA VAL A 85 -16.77 15.83 3.86
C VAL A 85 -17.52 17.05 4.39
N CYS A 86 -18.14 17.79 3.48
CA CYS A 86 -19.01 18.90 3.82
C CYS A 86 -20.47 18.46 3.62
N MET A 87 -21.26 18.57 4.69
CA MET A 87 -22.68 18.20 4.65
C MET A 87 -23.54 19.44 4.55
N THR A 88 -24.47 19.44 3.61
CA THR A 88 -25.49 20.47 3.45
C THR A 88 -26.85 19.80 3.27
N ILE A 89 -27.88 20.64 3.20
CA ILE A 89 -29.27 20.20 3.03
C ILE A 89 -29.82 20.92 1.82
N ASN A 90 -30.31 20.15 0.84
CA ASN A 90 -30.81 20.74 -0.39
C ASN A 90 -31.95 21.69 -0.11
N GLY A 91 -31.91 22.86 -0.74
CA GLY A 91 -32.90 23.90 -0.55
C GLY A 91 -32.57 24.89 0.53
N LEU A 92 -31.68 24.55 1.45
CA LEU A 92 -31.28 25.44 2.54
C LEU A 92 -29.94 26.07 2.17
N GLU A 93 -29.98 27.36 1.86
CA GLU A 93 -28.82 28.02 1.26
C GLU A 93 -27.65 28.10 2.23
N THR A 94 -27.91 28.43 3.49
CA THR A 94 -26.86 28.59 4.48
C THR A 94 -27.29 27.94 5.79
N ALA A 95 -26.36 27.87 6.73
CA ALA A 95 -26.63 27.37 8.06
C ALA A 95 -27.20 28.45 8.98
N GLU A 96 -27.58 29.60 8.42
CA GLU A 96 -28.13 30.68 9.23
C GLU A 96 -29.31 30.22 10.07
N GLY A 97 -30.12 29.30 9.54
CA GLY A 97 -31.25 28.76 10.28
C GLY A 97 -31.03 27.37 10.83
N LEU A 98 -29.86 26.79 10.62
CA LEU A 98 -29.54 25.44 11.08
C LEU A 98 -28.80 25.48 12.42
N ASP A 99 -29.25 24.70 13.39
CA ASP A 99 -28.57 24.55 14.67
C ASP A 99 -27.40 23.58 14.49
N CYS A 100 -26.20 24.12 14.28
CA CYS A 100 -25.08 23.28 13.84
C CYS A 100 -24.62 22.31 14.92
N VAL A 101 -24.51 22.75 16.17
CA VAL A 101 -24.05 21.86 17.22
C VAL A 101 -25.04 20.74 17.46
N ARG A 102 -26.34 21.07 17.54
CA ARG A 102 -27.34 20.02 17.70
C ARG A 102 -27.41 19.11 16.48
N THR A 103 -27.19 19.67 15.28
CA THR A 103 -27.16 18.84 14.09
C THR A 103 -25.99 17.86 14.12
N ILE A 104 -24.81 18.32 14.56
CA ILE A 104 -23.66 17.42 14.68
C ILE A 104 -24.02 16.25 15.57
N GLU A 105 -24.67 16.53 16.70
CA GLU A 105 -25.05 15.45 17.62
C GLU A 105 -26.08 14.52 16.99
N GLU A 106 -27.07 15.07 16.27
CA GLU A 106 -28.05 14.23 15.58
C GLU A 106 -27.37 13.39 14.51
N LEU A 107 -26.44 13.97 13.76
CA LEU A 107 -25.72 13.22 12.75
C LEU A 107 -24.91 12.10 13.38
N ALA A 108 -24.28 12.36 14.52
CA ALA A 108 -23.48 11.33 15.17
C ALA A 108 -24.32 10.13 15.53
N ARG A 109 -25.53 10.36 16.04
CA ARG A 109 -26.40 9.24 16.39
C ARG A 109 -26.77 8.40 15.17
N VAL A 110 -27.13 9.06 14.07
CA VAL A 110 -27.44 8.32 12.85
C VAL A 110 -26.26 7.46 12.43
N LEU A 111 -25.05 8.02 12.49
CA LEU A 111 -23.88 7.30 12.00
C LEU A 111 -23.54 6.09 12.88
N ARG A 112 -23.97 6.09 14.14
CA ARG A 112 -23.70 4.94 14.98
C ARG A 112 -24.46 3.69 14.55
N LYS A 113 -25.45 3.83 13.66
CA LYS A 113 -26.18 2.69 13.13
C LYS A 113 -25.56 2.11 11.86
N HIS A 114 -24.46 2.67 11.38
CA HIS A 114 -23.82 2.20 10.16
C HIS A 114 -22.84 1.08 10.51
N SER A 115 -23.08 -0.11 9.95
CA SER A 115 -22.34 -1.30 10.36
C SER A 115 -20.89 -1.28 9.89
N GLY A 116 -20.55 -0.43 8.93
CA GLY A 116 -19.20 -0.33 8.43
C GLY A 116 -18.35 0.76 9.04
N LEU A 117 -18.82 1.44 10.07
CA LEU A 117 -18.09 2.52 10.72
C LEU A 117 -17.82 2.17 12.17
N ARG A 118 -16.79 2.79 12.73
CA ARG A 118 -16.42 2.57 14.13
C ARG A 118 -16.00 3.87 14.76
N ASN A 119 -16.17 3.94 16.08
CA ASN A 119 -15.60 5.02 16.88
C ASN A 119 -16.09 6.38 16.41
N ILE A 120 -17.41 6.51 16.30
CA ILE A 120 -18.01 7.82 16.04
C ILE A 120 -17.61 8.75 17.17
N LEU A 121 -17.13 9.97 16.80
CA LEU A 121 -16.67 10.93 17.77
C LEU A 121 -17.10 12.33 17.32
N PRO A 122 -18.12 12.92 17.93
CA PRO A 122 -18.47 14.31 17.61
C PRO A 122 -17.60 15.27 18.38
N ILE A 123 -17.01 16.23 17.66
CA ILE A 123 -16.20 17.28 18.27
C ILE A 123 -16.95 18.59 18.07
N THR A 124 -17.74 18.99 19.08
CA THR A 124 -18.61 20.14 18.98
C THR A 124 -18.02 21.43 19.54
N THR A 125 -16.87 21.37 20.19
CA THR A 125 -16.23 22.55 20.76
C THR A 125 -15.20 23.19 19.85
N ALA A 126 -14.93 22.61 18.69
CA ALA A 126 -13.92 23.17 17.80
C ALA A 126 -14.51 24.32 16.99
N LYS A 127 -13.62 25.22 16.54
CA LYS A 127 -14.06 26.31 15.68
C LYS A 127 -14.93 25.78 14.55
N VAL A 128 -14.52 24.69 13.93
CA VAL A 128 -15.34 23.99 12.94
C VAL A 128 -15.76 22.65 13.53
N PRO A 129 -16.94 22.55 14.14
CA PRO A 129 -17.35 21.26 14.69
C PRO A 129 -17.43 20.20 13.62
N ILE A 130 -16.99 18.99 13.97
CA ILE A 130 -17.00 17.86 13.06
C ILE A 130 -17.48 16.64 13.82
N VAL A 131 -18.03 15.68 13.08
CA VAL A 131 -18.17 14.31 13.55
C VAL A 131 -17.18 13.47 12.76
N LYS A 132 -16.27 12.81 13.46
CA LYS A 132 -15.29 11.96 12.80
C LYS A 132 -15.51 10.50 13.18
N PHE A 133 -15.05 9.63 12.30
CA PHE A 133 -15.24 8.19 12.50
C PHE A 133 -14.30 7.42 11.60
N PHE A 134 -14.17 6.13 11.89
CA PHE A 134 -13.29 5.24 11.16
C PHE A 134 -14.10 4.36 10.21
N HIS A 135 -13.69 4.33 8.93
CA HIS A 135 -14.37 3.53 7.92
C HIS A 135 -13.61 2.20 7.76
N LEU A 136 -14.25 1.11 8.18
CA LEU A 136 -13.55 -0.17 8.30
C LEU A 136 -12.91 -0.60 6.99
N ARG A 137 -13.69 -0.65 5.91
CA ARG A 137 -13.22 -1.30 4.68
C ARG A 137 -12.07 -0.55 4.03
N SER A 138 -12.03 0.78 4.13
CA SER A 138 -10.96 1.54 3.50
C SER A 138 -9.80 1.85 4.44
N GLY A 139 -10.01 1.70 5.76
CA GLY A 139 -9.02 2.10 6.72
C GLY A 139 -8.82 3.58 6.85
N LEU A 140 -9.73 4.39 6.31
CA LEU A 140 -9.62 5.83 6.34
C LEU A 140 -10.46 6.43 7.46
N GLU A 141 -9.96 7.51 8.05
CA GLU A 141 -10.75 8.33 8.95
C GLU A 141 -11.55 9.34 8.12
N VAL A 142 -12.76 9.64 8.57
CA VAL A 142 -13.67 10.56 7.89
C VAL A 142 -14.05 11.68 8.86
N ASP A 143 -14.14 12.90 8.35
CA ASP A 143 -14.54 14.08 9.11
C ASP A 143 -15.64 14.80 8.36
N ILE A 144 -16.82 14.88 8.96
CA ILE A 144 -17.96 15.57 8.37
C ILE A 144 -18.15 16.90 9.09
N SER A 145 -18.17 17.99 8.32
CA SER A 145 -18.47 19.32 8.82
C SER A 145 -19.74 19.81 8.15
N LEU A 146 -20.36 20.83 8.76
CA LEU A 146 -21.66 21.35 8.34
C LEU A 146 -21.50 22.70 7.64
N TYR A 147 -22.03 22.82 6.42
CA TYR A 147 -22.04 24.10 5.71
C TYR A 147 -20.68 24.78 5.78
N ASN A 148 -19.64 24.00 5.51
CA ASN A 148 -18.26 24.49 5.49
C ASN A 148 -17.95 25.11 4.13
N THR A 149 -18.73 26.15 3.80
CA THR A 149 -18.76 26.65 2.44
C THR A 149 -17.43 27.24 2.02
N LEU A 150 -16.76 27.98 2.91
CA LEU A 150 -15.50 28.59 2.54
C LEU A 150 -14.44 27.54 2.26
N ALA A 151 -14.49 26.40 2.95
CA ALA A 151 -13.52 25.35 2.67
C ALA A 151 -13.72 24.76 1.27
N LEU A 152 -14.96 24.69 0.80
CA LEU A 152 -15.21 24.26 -0.56
C LEU A 152 -14.53 25.19 -1.55
N HIS A 153 -14.51 26.48 -1.26
CA HIS A 153 -13.95 27.43 -2.21
C HIS A 153 -12.43 27.44 -2.17
N ASN A 154 -11.81 27.29 -0.99
CA ASN A 154 -10.35 27.24 -0.97
C ASN A 154 -9.83 25.92 -1.49
N THR A 155 -10.65 24.86 -1.46
CA THR A 155 -10.31 23.64 -2.17
C THR A 155 -10.25 23.90 -3.68
N ARG A 156 -11.27 24.60 -4.21
CA ARG A 156 -11.24 24.95 -5.63
C ARG A 156 -10.07 25.88 -5.95
N LEU A 157 -9.76 26.81 -5.04
CA LEU A 157 -8.64 27.71 -5.27
C LEU A 157 -7.33 26.95 -5.38
N LEU A 158 -7.05 26.09 -4.39
CA LEU A 158 -5.82 25.30 -4.42
C LEU A 158 -5.79 24.37 -5.63
N SER A 159 -6.94 23.82 -6.02
CA SER A 159 -6.98 22.95 -7.19
C SER A 159 -6.55 23.70 -8.44
N ALA A 160 -7.00 24.94 -8.59
CA ALA A 160 -6.60 25.72 -9.76
C ALA A 160 -5.09 26.00 -9.75
N TYR A 161 -4.52 26.32 -8.58
CA TYR A 161 -3.08 26.53 -8.51
C TYR A 161 -2.32 25.27 -8.90
N SER A 162 -2.81 24.10 -8.47
CA SER A 162 -2.12 22.85 -8.77
C SER A 162 -2.12 22.55 -10.27
N ALA A 163 -3.04 23.14 -11.03
CA ALA A 163 -3.14 22.88 -12.46
C ALA A 163 -2.34 23.84 -13.32
N ILE A 164 -1.75 24.88 -12.72
CA ILE A 164 -1.01 25.88 -13.50
C ILE A 164 0.30 25.30 -14.00
N ASP A 165 0.99 24.53 -13.15
CA ASP A 165 2.34 24.09 -13.44
C ASP A 165 2.63 22.83 -12.63
N PRO A 166 3.17 21.76 -13.24
CA PRO A 166 3.46 20.55 -12.45
C PRO A 166 4.35 20.82 -11.25
N ARG A 167 5.19 21.86 -11.31
CA ARG A 167 6.08 22.14 -10.19
C ARG A 167 5.30 22.50 -8.93
N VAL A 168 4.08 23.01 -9.07
CA VAL A 168 3.28 23.34 -7.90
C VAL A 168 2.98 22.05 -7.11
N LYS A 169 2.51 21.01 -7.80
CA LYS A 169 2.23 19.74 -7.15
C LYS A 169 3.49 19.15 -6.53
N TYR A 170 4.58 19.09 -7.30
CA TYR A 170 5.81 18.50 -6.79
C TYR A 170 6.25 19.17 -5.50
N LEU A 171 6.20 20.51 -5.46
CA LEU A 171 6.65 21.23 -4.27
C LEU A 171 5.70 21.05 -3.10
N CYS A 172 4.39 21.05 -3.35
CA CYS A 172 3.45 20.89 -2.25
C CYS A 172 3.54 19.50 -1.65
N TYR A 173 3.78 18.48 -2.48
CA TYR A 173 3.99 17.13 -1.96
C TYR A 173 5.31 17.04 -1.19
N THR A 174 6.35 17.70 -1.68
CA THR A 174 7.63 17.71 -0.95
C THR A 174 7.46 18.39 0.40
N MET A 175 6.79 19.54 0.44
CA MET A 175 6.52 20.21 1.71
C MET A 175 5.71 19.31 2.65
N LYS A 176 4.77 18.56 2.09
CA LYS A 176 3.92 17.69 2.92
C LYS A 176 4.72 16.56 3.54
N VAL A 177 5.57 15.90 2.74
CA VAL A 177 6.44 14.85 3.26
C VAL A 177 7.35 15.42 4.35
N PHE A 178 7.96 16.57 4.08
CA PHE A 178 8.90 17.16 5.03
C PHE A 178 8.24 17.42 6.38
N THR A 179 7.08 18.08 6.37
CA THR A 179 6.44 18.44 7.63
C THR A 179 5.84 17.23 8.33
N LYS A 180 5.33 16.25 7.58
CA LYS A 180 4.83 15.05 8.23
C LYS A 180 5.98 14.27 8.86
N MET A 181 7.13 14.19 8.19
CA MET A 181 8.26 13.46 8.74
C MET A 181 8.82 14.14 9.98
N CYS A 182 8.71 15.47 10.07
CA CYS A 182 9.11 16.20 11.27
C CYS A 182 8.01 16.25 12.32
N ASP A 183 6.80 15.79 11.99
CA ASP A 183 5.69 15.73 12.94
C ASP A 183 5.21 17.11 13.38
N ILE A 184 5.16 18.04 12.43
CA ILE A 184 4.74 19.42 12.67
C ILE A 184 3.56 19.80 11.78
N GLY A 185 2.80 18.82 11.28
CA GLY A 185 1.70 19.08 10.36
C GLY A 185 0.32 18.66 10.87
N ASP A 186 0.07 18.84 12.17
CA ASP A 186 -1.22 18.49 12.77
C ASP A 186 -1.65 19.54 13.78
N ALA A 187 -2.58 20.41 13.38
CA ALA A 187 -3.09 21.44 14.28
C ALA A 187 -3.85 20.87 15.46
N SER A 188 -4.40 19.66 15.35
CA SER A 188 -5.06 19.05 16.51
C SER A 188 -4.04 18.63 17.58
N ARG A 189 -2.76 18.69 17.26
CA ARG A 189 -1.69 18.43 18.22
C ARG A 189 -0.88 19.68 18.55
N GLY A 190 -1.32 20.86 18.10
CA GLY A 190 -0.67 22.11 18.44
C GLY A 190 0.31 22.65 17.40
N SER A 191 0.49 21.97 16.27
CA SER A 191 1.34 22.47 15.18
C SER A 191 0.48 23.06 14.07
N LEU A 192 0.97 23.11 12.82
CA LEU A 192 0.25 23.73 11.73
C LEU A 192 -0.45 22.70 10.86
N SER A 193 -1.59 23.09 10.29
CA SER A 193 -2.29 22.21 9.37
C SER A 193 -1.53 22.11 8.06
N SER A 194 -1.74 20.99 7.36
CA SER A 194 -1.12 20.82 6.07
C SER A 194 -1.60 21.88 5.08
N TYR A 195 -2.86 22.30 5.22
CA TYR A 195 -3.39 23.43 4.45
C TYR A 195 -2.51 24.67 4.64
N ALA A 196 -2.12 24.95 5.88
CA ALA A 196 -1.28 26.11 6.15
C ALA A 196 0.08 26.01 5.46
N TYR A 197 0.71 24.84 5.51
CA TYR A 197 2.00 24.67 4.83
C TYR A 197 1.86 24.80 3.32
N THR A 198 0.73 24.35 2.76
CA THR A 198 0.49 24.51 1.33
C THR A 198 0.38 25.98 0.96
N LEU A 199 -0.22 26.80 1.83
CA LEU A 199 -0.26 28.23 1.58
C LEU A 199 1.14 28.82 1.60
N MET A 200 2.00 28.33 2.50
CA MET A 200 3.38 28.81 2.53
C MET A 200 4.10 28.50 1.22
N VAL A 201 3.84 27.33 0.63
CA VAL A 201 4.44 27.00 -0.66
C VAL A 201 3.95 27.95 -1.73
N LEU A 202 2.63 28.14 -1.81
CA LEU A 202 2.06 29.00 -2.83
C LEU A 202 2.55 30.44 -2.67
N TYR A 203 2.61 30.95 -1.44
CA TYR A 203 3.13 32.29 -1.22
C TYR A 203 4.57 32.41 -1.72
N PHE A 204 5.40 31.42 -1.41
CA PHE A 204 6.78 31.45 -1.89
C PHE A 204 6.82 31.49 -3.41
N LEU A 205 5.96 30.72 -4.07
CA LEU A 205 5.98 30.68 -5.53
C LEU A 205 5.44 31.96 -6.14
N GLN A 206 4.52 32.65 -5.44
CA GLN A 206 4.00 33.92 -5.95
C GLN A 206 5.04 35.03 -5.82
N GLN A 207 5.83 35.00 -4.75
CA GLN A 207 6.81 36.03 -4.47
C GLN A 207 8.17 35.77 -5.13
N ARG A 208 8.36 34.61 -5.75
CA ARG A 208 9.60 34.31 -6.43
C ARG A 208 9.81 35.27 -7.60
N ASN A 209 11.07 35.57 -7.88
CA ASN A 209 11.42 36.41 -9.02
C ASN A 209 12.19 35.60 -10.07
N PRO A 210 11.56 35.34 -11.23
CA PRO A 210 10.17 35.66 -11.59
C PRO A 210 9.20 34.67 -10.95
N PRO A 211 7.92 35.05 -10.86
CA PRO A 211 6.95 34.21 -10.15
C PRO A 211 6.63 32.92 -10.90
N VAL A 212 6.41 31.85 -10.12
CA VAL A 212 6.00 30.59 -10.72
C VAL A 212 4.49 30.55 -10.94
N ILE A 213 3.73 31.19 -10.06
CA ILE A 213 2.28 31.27 -10.20
C ILE A 213 1.85 32.71 -9.95
N PRO A 214 0.69 33.09 -10.48
CA PRO A 214 0.15 34.42 -10.23
C PRO A 214 -0.68 34.48 -8.95
N VAL A 215 -1.31 35.62 -8.70
CA VAL A 215 -2.28 35.77 -7.63
C VAL A 215 -3.65 35.74 -8.29
N LEU A 216 -4.28 34.55 -8.30
CA LEU A 216 -5.51 34.37 -9.05
C LEU A 216 -6.62 35.29 -8.56
N GLN A 217 -6.61 35.65 -7.28
CA GLN A 217 -7.63 36.54 -6.75
C GLN A 217 -7.46 37.98 -7.23
N GLU A 218 -6.35 38.28 -7.92
CA GLU A 218 -6.11 39.61 -8.47
C GLU A 218 -6.12 39.62 -10.00
N ILE A 219 -6.59 38.55 -10.63
CA ILE A 219 -6.74 38.48 -12.08
C ILE A 219 -8.22 38.45 -12.42
N TYR A 220 -8.64 39.31 -13.35
CA TYR A 220 -10.03 39.40 -13.76
C TYR A 220 -10.18 40.20 -15.04
N PRO A 226 -14.42 41.36 -9.59
CA PRO A 226 -15.77 40.89 -9.25
C PRO A 226 -15.91 40.60 -7.76
N GLU A 227 -17.13 40.76 -7.25
CA GLU A 227 -17.44 40.53 -5.84
C GLU A 227 -18.47 39.42 -5.73
N ILE A 228 -18.03 38.24 -5.29
CA ILE A 228 -18.90 37.10 -5.02
C ILE A 228 -18.75 36.79 -3.54
N PHE A 229 -19.78 37.07 -2.75
CA PHE A 229 -19.69 37.01 -1.30
C PHE A 229 -20.28 35.70 -0.77
N VAL A 230 -19.54 35.07 0.15
CA VAL A 230 -19.99 33.87 0.85
C VAL A 230 -19.59 34.02 2.31
N ASP A 231 -20.57 33.89 3.20
CA ASP A 231 -20.32 34.03 4.64
C ASP A 231 -19.58 35.34 4.95
N GLY A 232 -19.84 36.37 4.14
CA GLY A 232 -19.28 37.68 4.40
C GLY A 232 -17.95 37.99 3.74
N TRP A 233 -17.46 37.13 2.85
CA TRP A 233 -16.14 37.27 2.26
C TRP A 233 -16.21 37.10 0.75
N ASN A 234 -15.40 37.88 0.05
CA ASN A 234 -15.32 37.77 -1.41
C ASN A 234 -14.47 36.56 -1.77
N ILE A 235 -15.09 35.58 -2.44
CA ILE A 235 -14.40 34.33 -2.77
C ILE A 235 -14.08 34.26 -4.26
N TYR A 236 -14.08 35.39 -4.96
CA TYR A 236 -13.73 35.36 -6.37
C TYR A 236 -12.26 35.00 -6.55
N PHE A 237 -11.97 34.26 -7.61
CA PHE A 237 -10.61 34.10 -8.10
C PHE A 237 -10.68 33.67 -9.56
N PHE A 238 -9.59 33.89 -10.28
CA PHE A 238 -9.52 33.52 -11.68
C PHE A 238 -9.31 32.02 -11.79
N ASP A 239 -10.27 31.32 -12.38
CA ASP A 239 -10.21 29.87 -12.48
C ASP A 239 -10.18 29.36 -13.92
N GLN A 240 -9.99 30.25 -14.90
CA GLN A 240 -9.89 29.85 -16.31
C GLN A 240 -8.42 29.65 -16.67
N ILE A 241 -7.85 28.57 -16.13
CA ILE A 241 -6.41 28.36 -16.19
C ILE A 241 -5.93 28.16 -17.63
N ASP A 242 -6.76 27.57 -18.49
CA ASP A 242 -6.34 27.38 -19.87
C ASP A 242 -6.13 28.71 -20.59
N GLU A 243 -6.79 29.78 -20.14
CA GLU A 243 -6.63 31.11 -20.71
C GLU A 243 -5.64 31.96 -19.94
N LEU A 244 -4.90 31.36 -18.99
CA LEU A 244 -4.00 32.16 -18.16
C LEU A 244 -2.94 32.88 -18.96
N PRO A 245 -2.35 32.32 -20.02
CA PRO A 245 -1.34 33.06 -20.80
C PRO A 245 -1.86 34.38 -21.34
N THR A 246 -3.17 34.58 -21.40
CA THR A 246 -3.71 35.85 -21.88
C THR A 246 -3.76 36.89 -20.78
N TYR A 247 -4.08 36.50 -19.55
CA TYR A 247 -4.30 37.43 -18.46
C TYR A 247 -3.15 37.48 -17.47
N TRP A 248 -2.09 36.70 -17.69
CA TRP A 248 -0.91 36.70 -16.83
C TRP A 248 0.30 36.94 -17.71
N SER A 249 0.88 38.14 -17.62
CA SER A 249 1.96 38.51 -18.53
C SER A 249 3.22 37.70 -18.25
N GLU A 250 3.50 37.43 -16.98
CA GLU A 250 4.70 36.72 -16.57
C GLU A 250 4.58 35.21 -16.72
N CYS A 251 3.65 34.73 -17.53
CA CYS A 251 3.45 33.29 -17.67
C CYS A 251 4.67 32.65 -18.30
N GLY A 252 5.16 31.57 -17.69
CA GLY A 252 6.27 30.83 -18.26
C GLY A 252 7.62 31.49 -18.16
N LYS A 253 7.77 32.53 -17.33
CA LYS A 253 9.05 33.21 -17.22
C LYS A 253 10.01 32.44 -16.31
N ASN A 254 9.50 31.82 -15.25
CA ASN A 254 10.35 31.10 -14.31
C ASN A 254 10.63 29.71 -14.86
N THR A 255 11.91 29.38 -15.02
CA THR A 255 12.33 28.08 -15.54
C THR A 255 13.18 27.30 -14.54
N GLU A 256 13.09 27.63 -13.26
CA GLU A 256 13.81 26.90 -12.23
C GLU A 256 13.29 25.48 -12.15
N SER A 257 14.20 24.53 -11.96
CA SER A 257 13.80 23.16 -11.72
C SER A 257 13.17 23.02 -10.35
N VAL A 258 12.45 21.92 -10.14
CA VAL A 258 11.76 21.70 -8.86
C VAL A 258 12.75 21.68 -7.71
N GLY A 259 13.87 20.97 -7.89
CA GLY A 259 14.86 20.90 -6.82
C GLY A 259 15.42 22.27 -6.46
N GLN A 260 15.64 23.11 -7.47
CA GLN A 260 16.08 24.47 -7.22
C GLN A 260 15.04 25.23 -6.40
N LEU A 261 13.76 25.05 -6.72
CA LEU A 261 12.70 25.76 -6.00
C LEU A 261 12.55 25.24 -4.60
N TRP A 262 12.72 23.93 -4.38
CA TRP A 262 12.59 23.38 -3.04
C TRP A 262 13.67 23.95 -2.12
N LEU A 263 14.94 23.90 -2.56
CA LEU A 263 15.99 24.50 -1.77
C LEU A 263 15.75 26.00 -1.63
N GLY A 264 15.25 26.65 -2.68
CA GLY A 264 14.91 28.06 -2.59
C GLY A 264 13.87 28.35 -1.54
N LEU A 265 12.87 27.46 -1.41
CA LEU A 265 11.84 27.63 -0.39
C LEU A 265 12.47 27.55 1.00
N LEU A 266 13.29 26.54 1.23
CA LEU A 266 13.94 26.40 2.53
C LEU A 266 14.77 27.63 2.87
N ARG A 267 15.52 28.15 1.90
CA ARG A 267 16.33 29.34 2.16
C ARG A 267 15.43 30.57 2.35
N PHE A 268 14.33 30.63 1.60
CA PHE A 268 13.45 31.79 1.69
C PHE A 268 12.89 31.95 3.10
N TYR A 269 12.44 30.85 3.71
CA TYR A 269 11.81 30.93 5.02
C TYR A 269 12.80 30.82 6.18
N THR A 270 14.08 30.59 5.91
CA THR A 270 15.09 30.64 6.96
C THR A 270 16.01 31.84 6.83
N GLU A 271 16.21 32.37 5.63
CA GLU A 271 17.14 33.46 5.39
C GLU A 271 16.44 34.77 5.05
N GLU A 272 15.36 34.73 4.29
CA GLU A 272 14.82 35.92 3.66
C GLU A 272 13.53 36.41 4.30
N PHE A 273 12.54 35.54 4.48
CA PHE A 273 11.23 36.01 4.93
C PHE A 273 11.30 36.55 6.35
N ASP A 274 10.74 37.74 6.55
CA ASP A 274 10.71 38.39 7.85
C ASP A 274 9.39 38.06 8.52
N PHE A 275 9.41 37.03 9.38
CA PHE A 275 8.18 36.57 10.02
C PHE A 275 7.60 37.64 10.94
N LYS A 276 8.44 38.46 11.55
CA LYS A 276 7.96 39.46 12.50
C LYS A 276 7.37 40.68 11.80
N GLU A 277 7.71 40.91 10.53
CA GLU A 277 7.23 42.06 9.78
C GLU A 277 6.06 41.76 8.86
N HIS A 278 6.03 40.58 8.24
CA HIS A 278 5.13 40.33 7.13
C HIS A 278 4.24 39.11 7.37
N VAL A 279 3.10 39.11 6.69
CA VAL A 279 2.12 38.05 6.78
C VAL A 279 2.18 37.23 5.49
N ILE A 280 2.09 35.90 5.64
CA ILE A 280 2.02 35.00 4.50
C ILE A 280 0.59 35.06 3.97
N SER A 281 0.42 35.68 2.81
CA SER A 281 -0.90 36.02 2.29
C SER A 281 -0.88 35.82 0.78
N ILE A 282 -1.63 34.82 0.30
CA ILE A 282 -1.65 34.50 -1.13
C ILE A 282 -2.76 35.22 -1.88
N ARG A 283 -3.55 36.05 -1.21
CA ARG A 283 -4.62 36.79 -1.85
C ARG A 283 -4.15 38.05 -2.57
N ARG A 284 -2.93 38.52 -2.28
CA ARG A 284 -2.43 39.77 -2.84
C ARG A 284 -0.93 39.66 -3.05
N LYS A 285 -0.45 40.20 -4.17
CA LYS A 285 0.98 40.16 -4.44
C LYS A 285 1.73 41.16 -3.57
N SER A 286 1.10 42.28 -3.23
CA SER A 286 1.74 43.28 -2.38
C SER A 286 1.97 42.74 -0.99
N LEU A 287 3.14 43.02 -0.43
CA LEU A 287 3.48 42.57 0.92
C LEU A 287 2.45 43.06 1.93
N LEU A 288 2.12 42.20 2.88
CA LEU A 288 1.16 42.49 3.93
C LEU A 288 1.89 42.45 5.27
N THR A 289 1.80 43.55 6.03
CA THR A 289 2.53 43.65 7.29
C THR A 289 1.65 43.20 8.45
N THR A 290 2.28 42.57 9.44
CA THR A 290 1.58 42.22 10.67
C THR A 290 1.04 43.48 11.37
N PHE A 291 1.77 44.59 11.26
CA PHE A 291 1.33 45.83 11.91
C PHE A 291 -0.05 46.24 11.44
N LYS A 292 -0.23 46.38 10.13
CA LYS A 292 -1.54 46.77 9.61
C LYS A 292 -2.59 45.72 9.91
N LYS A 293 -2.18 44.45 9.98
CA LYS A 293 -3.10 43.38 10.31
C LYS A 293 -3.39 43.27 11.80
N GLN A 294 -2.57 43.92 12.64
CA GLN A 294 -2.71 43.80 14.09
C GLN A 294 -2.52 42.36 14.56
N TRP A 295 -1.68 41.62 13.85
CA TRP A 295 -1.35 40.22 14.19
C TRP A 295 0.10 40.12 14.64
N THR A 296 0.52 41.04 15.52
CA THR A 296 1.90 41.10 15.97
C THR A 296 2.20 40.16 17.14
N SER A 297 1.19 39.48 17.69
CA SER A 297 1.45 38.63 18.85
C SER A 297 2.19 37.36 18.47
N LYS A 298 2.03 36.87 17.25
CA LYS A 298 2.60 35.60 16.83
C LYS A 298 3.77 35.81 15.89
N TYR A 299 4.59 34.76 15.75
CA TYR A 299 5.75 34.79 14.87
C TYR A 299 5.39 34.32 13.46
N ILE A 300 4.85 33.11 13.33
CA ILE A 300 4.41 32.60 12.03
C ILE A 300 2.97 33.06 11.84
N VAL A 301 2.75 33.96 10.89
CA VAL A 301 1.46 34.57 10.65
C VAL A 301 1.05 34.23 9.23
N ILE A 302 -0.08 33.54 9.09
CA ILE A 302 -0.57 33.07 7.79
C ILE A 302 -2.04 33.44 7.68
N GLU A 303 -2.37 34.21 6.64
CA GLU A 303 -3.73 34.68 6.43
C GLU A 303 -4.47 33.75 5.48
N ASP A 304 -5.70 33.39 5.85
CA ASP A 304 -6.51 32.59 4.95
C ASP A 304 -6.85 33.40 3.70
N PRO A 305 -6.86 32.79 2.52
CA PRO A 305 -7.13 33.56 1.29
C PRO A 305 -8.51 34.17 1.25
N PHE A 306 -9.50 33.63 1.97
CA PHE A 306 -10.85 34.15 1.95
C PHE A 306 -11.28 34.73 3.29
N ASP A 307 -11.16 33.97 4.37
CA ASP A 307 -11.53 34.44 5.71
C ASP A 307 -10.37 35.27 6.26
N LEU A 308 -10.39 36.58 5.99
CA LEU A 308 -9.26 37.42 6.29
C LEU A 308 -9.05 37.62 7.78
N ASN A 309 -10.00 37.23 8.62
CA ASN A 309 -9.82 37.27 10.07
C ASN A 309 -9.16 36.01 10.62
N HIS A 310 -8.87 35.02 9.78
CA HIS A 310 -8.34 33.74 10.23
C HIS A 310 -6.82 33.72 10.04
N ASN A 311 -6.10 33.73 11.14
CA ASN A 311 -4.64 33.54 11.14
C ASN A 311 -4.37 32.06 11.43
N LEU A 312 -3.88 31.34 10.41
CA LEU A 312 -3.66 29.90 10.53
C LEU A 312 -2.59 29.56 11.56
N GLY A 313 -1.76 30.53 11.95
CA GLY A 313 -0.74 30.30 12.95
C GLY A 313 -1.14 30.74 14.35
N ALA A 314 -2.42 31.02 14.59
CA ALA A 314 -2.83 31.57 15.88
C ALA A 314 -2.65 30.58 17.03
N GLY A 315 -2.62 29.28 16.73
CA GLY A 315 -2.51 28.28 17.77
C GLY A 315 -1.10 27.87 18.15
N LEU A 316 -0.07 28.42 17.51
CA LEU A 316 1.29 27.98 17.77
C LEU A 316 1.81 28.55 19.07
N SER A 317 2.40 27.69 19.90
CA SER A 317 3.11 28.16 21.08
C SER A 317 4.53 28.57 20.70
N ARG A 318 5.24 29.14 21.68
CA ARG A 318 6.61 29.56 21.45
C ARG A 318 7.50 28.35 21.21
N LYS A 319 7.35 27.31 22.03
CA LYS A 319 8.14 26.11 21.86
C LYS A 319 7.91 25.47 20.49
N MET A 320 6.64 25.35 20.09
CA MET A 320 6.33 24.75 18.80
C MET A 320 6.91 25.57 17.66
N THR A 321 6.84 26.90 17.76
CA THR A 321 7.44 27.76 16.74
C THR A 321 8.94 27.52 16.64
N ASN A 322 9.63 27.45 17.78
CA ASN A 322 11.06 27.17 17.75
C ASN A 322 11.33 25.81 17.11
N PHE A 323 10.51 24.81 17.46
CA PHE A 323 10.70 23.47 16.88
C PHE A 323 10.50 23.49 15.37
N ILE A 324 9.49 24.23 14.89
CA ILE A 324 9.23 24.28 13.46
C ILE A 324 10.39 24.96 12.73
N MET A 325 10.86 26.10 13.25
CA MET A 325 11.97 26.80 12.62
C MET A 325 13.23 25.96 12.64
N LYS A 326 13.50 25.28 13.75
CA LYS A 326 14.66 24.40 13.79
C LYS A 326 14.57 23.32 12.71
N ALA A 327 13.37 22.78 12.48
CA ALA A 327 13.22 21.76 11.44
C ALA A 327 13.60 22.32 10.08
N PHE A 328 13.10 23.50 9.75
CA PHE A 328 13.40 24.08 8.45
C PHE A 328 14.88 24.43 8.33
N ILE A 329 15.51 24.87 9.41
CA ILE A 329 16.94 25.16 9.36
C ILE A 329 17.72 23.89 9.06
N ASN A 330 17.34 22.77 9.67
CA ASN A 330 18.04 21.53 9.43
C ASN A 330 17.76 21.00 8.02
N GLY A 331 16.54 21.22 7.52
CA GLY A 331 16.24 20.85 6.13
C GLY A 331 17.09 21.63 5.15
N ARG A 332 17.23 22.94 5.36
CA ARG A 332 18.15 23.73 4.55
C ARG A 332 19.53 23.10 4.48
N ARG A 333 20.02 22.60 5.61
CA ARG A 333 21.35 21.98 5.65
C ARG A 333 21.37 20.67 4.88
N VAL A 334 20.37 19.80 5.11
CA VAL A 334 20.39 18.47 4.52
C VAL A 334 20.21 18.55 3.00
N PHE A 335 19.30 19.42 2.54
CA PHE A 335 19.06 19.55 1.11
C PHE A 335 20.06 20.48 0.42
N GLY A 336 20.79 21.29 1.17
CA GLY A 336 21.68 22.28 0.58
C GLY A 336 23.16 21.97 0.65
N ILE A 337 23.57 21.03 1.50
CA ILE A 337 24.98 20.71 1.69
C ILE A 337 25.19 19.24 1.36
N PRO A 338 25.73 18.93 0.18
CA PRO A 338 26.08 17.55 -0.15
C PRO A 338 27.02 16.95 0.90
N VAL A 339 27.02 15.63 0.97
CA VAL A 339 27.77 14.90 2.00
C VAL A 339 28.67 13.86 1.33
N LYS A 340 29.78 13.55 2.00
CA LYS A 340 30.71 12.53 1.53
C LYS A 340 30.02 11.17 1.49
N GLY A 341 30.20 10.45 0.38
CA GLY A 341 29.61 9.15 0.19
C GLY A 341 28.25 9.15 -0.47
N PHE A 342 27.55 10.29 -0.47
CA PHE A 342 26.25 10.39 -1.10
C PHE A 342 26.41 10.61 -2.61
N PRO A 343 25.61 9.91 -3.43
CA PRO A 343 24.52 8.97 -3.11
C PRO A 343 24.90 7.49 -3.15
N LYS A 344 26.19 7.19 -3.30
CA LYS A 344 26.59 5.81 -3.59
C LYS A 344 26.53 4.90 -2.35
N ASP A 345 26.67 5.44 -1.15
CA ASP A 345 26.61 4.65 0.07
C ASP A 345 25.22 4.64 0.70
N TYR A 346 24.20 5.15 0.01
CA TYR A 346 22.85 5.26 0.55
C TYR A 346 21.86 4.58 -0.38
N PRO A 347 21.31 3.40 -0.02
CA PRO A 347 20.38 2.72 -0.92
C PRO A 347 19.02 3.40 -1.02
N SER A 348 18.70 4.39 -0.19
CA SER A 348 17.45 5.12 -0.32
C SER A 348 17.71 6.61 -0.12
N LYS A 349 17.58 7.38 -1.21
CA LYS A 349 17.71 8.83 -1.09
C LYS A 349 16.63 9.44 -0.22
N MET A 350 15.43 8.85 -0.24
CA MET A 350 14.34 9.37 0.58
C MET A 350 14.66 9.28 2.06
N GLU A 351 15.22 8.15 2.50
CA GLU A 351 15.55 7.99 3.91
C GLU A 351 16.70 8.90 4.32
N TYR A 352 17.58 9.25 3.39
CA TYR A 352 18.67 10.17 3.72
C TYR A 352 18.15 11.59 3.93
N PHE A 353 17.38 12.10 2.97
CA PHE A 353 16.99 13.51 3.03
C PHE A 353 15.94 13.77 4.10
N PHE A 354 15.04 12.82 4.36
CA PHE A 354 13.94 12.99 5.30
C PHE A 354 14.12 12.15 6.56
N ASP A 355 15.34 12.10 7.09
CA ASP A 355 15.65 11.39 8.32
C ASP A 355 15.22 12.25 9.52
N PRO A 356 14.20 11.85 10.28
CA PRO A 356 13.76 12.70 11.42
C PRO A 356 14.83 12.88 12.49
N ASP A 357 15.70 11.89 12.67
CA ASP A 357 16.78 12.03 13.66
C ASP A 357 17.72 13.17 13.30
N VAL A 358 17.81 13.53 12.04
CA VAL A 358 18.61 14.67 11.62
C VAL A 358 17.77 15.96 11.62
N LEU A 359 16.59 15.90 11.02
CA LEU A 359 15.78 17.12 10.86
C LEU A 359 15.32 17.68 12.20
N THR A 360 14.94 16.81 13.14
CA THR A 360 14.50 17.23 14.47
C THR A 360 15.49 16.83 15.54
N GLU A 361 16.65 16.30 15.19
CA GLU A 361 17.71 16.02 16.14
C GLU A 361 17.22 15.07 17.24
N GLY A 362 16.42 14.07 16.85
CA GLY A 362 15.93 13.07 17.78
C GLY A 362 14.85 13.53 18.72
N GLU A 363 14.57 14.82 18.80
CA GLU A 363 13.53 15.31 19.69
C GLU A 363 12.14 15.12 19.08
N LEU A 364 11.15 15.00 19.95
CA LEU A 364 9.76 14.93 19.53
C LEU A 364 9.15 16.33 19.53
N ALA A 365 8.07 16.49 18.75
CA ALA A 365 7.42 17.79 18.70
C ALA A 365 6.84 18.12 20.07
N PRO A 366 6.93 19.37 20.51
CA PRO A 366 6.38 19.71 21.82
C PRO A 366 4.88 19.48 21.87
N ASN A 367 4.40 19.01 23.04
CA ASN A 367 3.00 18.65 23.22
C ASN A 367 2.47 19.16 24.56
N ASP A 368 2.97 20.31 25.03
CA ASP A 368 2.60 20.80 26.36
C ASP A 368 1.12 21.19 26.43
N ARG A 369 0.57 21.70 25.33
CA ARG A 369 -0.85 22.04 25.26
C ARG A 369 -1.74 20.83 25.02
N CYS A 370 -1.17 19.65 24.88
CA CYS A 370 -1.93 18.47 24.48
C CYS A 370 -2.39 17.67 25.69
N CYS A 371 -3.59 17.11 25.58
CA CYS A 371 -4.07 16.20 26.60
C CYS A 371 -3.06 15.08 26.82
N ARG A 372 -2.79 14.79 28.09
CA ARG A 372 -1.81 13.75 28.43
C ARG A 372 -2.31 12.33 28.13
N ILE A 373 -3.60 12.15 27.86
CA ILE A 373 -4.17 10.84 27.58
C ILE A 373 -4.10 10.52 26.09
N CYS A 374 -4.71 11.37 25.26
CA CYS A 374 -4.83 11.12 23.83
C CYS A 374 -3.89 11.96 22.97
N GLY A 375 -3.28 13.01 23.50
CA GLY A 375 -2.33 13.80 22.74
C GLY A 375 -2.94 14.91 21.90
N LYS A 376 -4.25 15.15 22.00
CA LYS A 376 -4.91 16.20 21.24
C LYS A 376 -5.19 17.41 22.12
N ILE A 377 -5.39 18.56 21.48
CA ILE A 377 -5.73 19.77 22.21
C ILE A 377 -7.25 19.89 22.27
N GLY A 378 -7.75 20.82 23.07
CA GLY A 378 -9.14 21.23 23.02
C GLY A 378 -10.06 20.65 24.06
N HIS A 379 -9.59 19.79 24.96
CA HIS A 379 -10.48 19.21 25.96
C HIS A 379 -9.75 18.91 27.26
N PHE A 380 -10.51 18.97 28.36
CA PHE A 380 -10.03 18.50 29.65
C PHE A 380 -10.14 16.98 29.73
N MET A 381 -9.38 16.40 30.68
CA MET A 381 -9.27 14.95 30.75
C MET A 381 -10.61 14.24 31.01
N LYS A 382 -11.51 14.86 31.77
CA LYS A 382 -12.79 14.20 31.99
C LYS A 382 -13.59 13.99 30.70
N ASP A 383 -13.30 14.74 29.64
CA ASP A 383 -13.99 14.61 28.36
C ASP A 383 -13.13 13.94 27.30
N CYS A 384 -12.03 13.31 27.69
CA CYS A 384 -11.14 12.66 26.74
C CYS A 384 -11.74 11.34 26.25
N PRO A 385 -11.83 11.11 24.94
CA PRO A 385 -12.38 9.82 24.45
C PRO A 385 -11.59 8.57 24.92
N MET A 386 -10.26 8.69 25.19
CA MET A 386 -9.37 7.55 25.38
C MET A 386 -8.95 7.26 26.82
N ARG A 387 -9.83 7.26 27.78
CA ARG A 387 -10.02 7.21 29.18
C ARG A 387 -10.77 5.95 29.74
N GLU B 12 24.84 -31.43 -6.91
CA GLU B 12 24.80 -31.23 -8.35
C GLU B 12 25.68 -30.05 -8.75
N PRO B 13 26.45 -30.20 -9.82
CA PRO B 13 27.32 -29.10 -10.26
C PRO B 13 26.52 -27.97 -10.89
N LEU B 14 27.01 -26.76 -10.70
CA LEU B 14 26.38 -25.59 -11.28
C LEU B 14 27.16 -25.13 -12.50
N PRO B 15 26.49 -24.74 -13.59
CA PRO B 15 27.21 -24.20 -14.73
C PRO B 15 27.71 -22.79 -14.43
N PRO B 16 28.78 -22.35 -15.07
CA PRO B 16 29.27 -21.00 -14.82
C PRO B 16 28.19 -19.97 -15.10
N LEU B 17 28.28 -18.84 -14.40
CA LEU B 17 27.31 -17.77 -14.58
C LEU B 17 27.71 -16.89 -15.75
N THR B 18 26.73 -16.37 -16.42
CA THR B 18 26.92 -15.47 -17.53
C THR B 18 26.70 -14.03 -17.10
N PRO B 19 27.31 -13.06 -17.77
CA PRO B 19 27.05 -11.65 -17.41
C PRO B 19 25.57 -11.29 -17.47
N LYS B 20 24.84 -11.78 -18.47
CA LYS B 20 23.43 -11.44 -18.60
C LYS B 20 22.62 -12.02 -17.46
N PHE B 21 22.89 -13.27 -17.06
CA PHE B 21 22.14 -13.89 -15.98
C PHE B 21 22.55 -13.31 -14.63
N LEU B 22 23.82 -12.94 -14.47
CA LEU B 22 24.25 -12.32 -13.22
C LEU B 22 23.55 -10.99 -13.01
N ASN B 23 23.41 -10.19 -14.07
CA ASN B 23 22.67 -8.94 -13.96
C ASN B 23 21.24 -9.19 -13.49
N ILE B 24 20.62 -10.26 -13.98
CA ILE B 24 19.27 -10.59 -13.54
C ILE B 24 19.25 -10.88 -12.05
N LEU B 25 20.23 -11.65 -11.56
CA LEU B 25 20.31 -11.92 -10.12
C LEU B 25 20.49 -10.62 -9.33
N ASP B 26 21.35 -9.72 -9.83
CA ASP B 26 21.52 -8.43 -9.19
C ASP B 26 20.20 -7.70 -9.06
N GLN B 27 19.44 -7.63 -10.17
CA GLN B 27 18.20 -6.87 -10.19
C GLN B 27 17.19 -7.46 -9.21
N VAL B 28 17.10 -8.79 -9.13
CA VAL B 28 16.12 -9.43 -8.26
C VAL B 28 16.42 -9.10 -6.80
N CYS B 29 17.69 -9.21 -6.40
CA CYS B 29 18.05 -8.93 -5.01
C CYS B 29 17.72 -7.48 -4.64
N ILE B 30 17.99 -6.55 -5.55
CA ILE B 30 17.70 -5.15 -5.27
C ILE B 30 16.20 -4.91 -5.22
N GLN B 31 15.45 -5.58 -6.10
CA GLN B 31 14.00 -5.44 -6.08
C GLN B 31 13.42 -5.95 -4.76
N CYS B 32 14.00 -7.02 -4.21
CA CYS B 32 13.57 -7.49 -2.90
C CYS B 32 13.64 -6.38 -1.86
N TYR B 33 14.61 -5.47 -1.99
CA TYR B 33 14.71 -4.35 -1.07
C TYR B 33 13.75 -3.22 -1.45
N LYS B 34 13.68 -2.89 -2.74
CA LYS B 34 12.90 -1.72 -3.15
C LYS B 34 11.41 -1.96 -3.00
N ASP B 35 10.94 -3.19 -3.21
CA ASP B 35 9.51 -3.44 -3.22
C ASP B 35 8.95 -3.76 -1.84
N PHE B 36 9.78 -4.12 -0.88
CA PHE B 36 9.28 -4.59 0.40
C PHE B 36 9.78 -3.77 1.58
N SER B 37 10.63 -2.78 1.36
CA SER B 37 10.98 -1.89 2.45
C SER B 37 9.86 -0.86 2.65
N PRO B 38 9.60 -0.46 3.89
CA PRO B 38 8.57 0.56 4.11
C PRO B 38 8.99 1.92 3.56
N THR B 39 7.98 2.73 3.25
CA THR B 39 8.22 4.14 2.97
C THR B 39 8.53 4.87 4.27
N ILE B 40 9.09 6.09 4.11
CA ILE B 40 9.40 6.92 5.27
C ILE B 40 8.12 7.31 5.98
N ILE B 41 7.03 7.50 5.24
CA ILE B 41 5.75 7.84 5.86
C ILE B 41 5.22 6.66 6.68
N GLU B 42 5.37 5.44 6.17
CA GLU B 42 4.96 4.27 6.95
C GLU B 42 5.79 4.14 8.21
N ASP B 43 7.09 4.43 8.12
CA ASP B 43 7.93 4.46 9.31
C ASP B 43 7.39 5.45 10.34
N GLN B 44 7.05 6.65 9.88
CA GLN B 44 6.58 7.69 10.78
C GLN B 44 5.28 7.27 11.45
N ALA B 45 4.40 6.59 10.70
CA ALA B 45 3.15 6.11 11.28
C ALA B 45 3.42 5.21 12.49
N ARG B 46 4.47 4.39 12.41
CA ARG B 46 4.78 3.49 13.52
C ARG B 46 5.16 4.27 14.76
N GLU B 47 5.90 5.37 14.60
CA GLU B 47 6.23 6.21 15.74
C GLU B 47 4.98 6.83 16.33
N HIS B 48 4.02 7.19 15.48
CA HIS B 48 2.78 7.80 15.96
C HIS B 48 1.99 6.81 16.80
N ILE B 49 1.90 5.56 16.33
CA ILE B 49 1.26 4.51 17.12
C ILE B 49 1.95 4.36 18.47
N ARG B 50 3.27 4.26 18.47
CA ARG B 50 4.01 4.10 19.72
C ARG B 50 3.63 5.21 20.71
N GLN B 51 3.62 6.46 20.23
CA GLN B 51 3.34 7.58 21.11
C GLN B 51 1.93 7.49 21.69
N ASN B 52 0.96 7.09 20.88
CA ASN B 52 -0.42 7.08 21.35
C ASN B 52 -0.70 5.92 22.30
N LEU B 53 -0.08 4.76 22.06
CA LEU B 53 -0.18 3.65 23.00
C LEU B 53 0.46 4.02 24.33
N GLU B 54 1.59 4.72 24.27
CA GLU B 54 2.31 5.11 25.48
C GLU B 54 1.45 5.98 26.37
N SER B 55 0.78 6.98 25.79
CA SER B 55 -0.08 7.88 26.56
C SER B 55 -1.27 7.14 27.14
N PHE B 56 -1.85 6.23 26.36
CA PHE B 56 -2.99 5.44 26.84
C PHE B 56 -2.60 4.57 28.02
N ILE B 57 -1.51 3.82 27.89
CA ILE B 57 -1.08 2.91 28.94
C ILE B 57 -0.68 3.67 30.21
N ARG B 58 -0.23 4.92 30.08
CA ARG B 58 0.15 5.71 31.24
C ARG B 58 -1.01 5.94 32.22
N GLN B 59 -2.25 5.81 31.76
CA GLN B 59 -3.40 5.94 32.66
C GLN B 59 -3.36 4.89 33.77
N ASP B 60 -2.88 3.69 33.45
CA ASP B 60 -2.87 2.61 34.41
C ASP B 60 -1.47 2.24 34.90
N PHE B 61 -0.42 2.64 34.18
CA PHE B 61 0.96 2.38 34.57
C PHE B 61 1.72 3.69 34.45
N PRO B 62 1.62 4.56 35.45
CA PRO B 62 2.24 5.89 35.35
C PRO B 62 3.74 5.80 35.08
N GLY B 63 4.21 6.67 34.22
CA GLY B 63 5.61 6.67 33.82
C GLY B 63 5.97 5.66 32.75
N THR B 64 4.99 5.02 32.13
CA THR B 64 5.28 4.04 31.09
C THR B 64 6.11 4.68 29.98
N LYS B 65 7.14 3.98 29.55
CA LYS B 65 7.90 4.35 28.36
C LYS B 65 7.85 3.19 27.37
N LEU B 66 7.48 3.49 26.13
CA LEU B 66 7.44 2.49 25.07
C LEU B 66 8.56 2.78 24.09
N SER B 67 9.33 1.75 23.75
CA SER B 67 10.43 1.90 22.81
C SER B 67 10.26 0.86 21.71
N LEU B 68 10.35 1.31 20.45
CA LEU B 68 10.33 0.39 19.32
C LEU B 68 11.69 -0.28 19.17
N PHE B 69 11.66 -1.58 18.86
CA PHE B 69 12.87 -2.33 18.54
C PHE B 69 12.54 -3.30 17.42
N GLY B 70 13.49 -4.16 17.09
CA GLY B 70 13.25 -5.17 16.09
C GLY B 70 13.36 -4.60 14.68
N SER B 71 12.64 -5.25 13.75
CA SER B 71 12.75 -4.91 12.34
C SER B 71 12.23 -3.51 12.05
N SER B 72 11.43 -2.93 12.95
CA SER B 72 11.04 -1.53 12.81
C SER B 72 12.21 -0.58 12.93
N LYS B 73 13.32 -1.01 13.55
CA LYS B 73 14.41 -0.09 13.85
C LYS B 73 15.78 -0.63 13.48
N ASN B 74 15.91 -1.89 13.06
CA ASN B 74 17.22 -2.47 12.81
C ASN B 74 17.64 -2.38 11.36
N GLY B 75 16.87 -1.69 10.52
CA GLY B 75 17.21 -1.49 9.13
C GLY B 75 16.67 -2.52 8.17
N PHE B 76 15.94 -3.54 8.64
CA PHE B 76 15.50 -4.63 7.77
C PHE B 76 13.99 -4.88 7.85
N GLY B 77 13.21 -3.83 8.11
CA GLY B 77 11.78 -4.00 8.26
C GLY B 77 11.04 -4.16 6.94
N PHE B 78 9.92 -4.87 7.00
CA PHE B 78 8.96 -5.02 5.91
C PHE B 78 7.72 -4.17 6.20
N LYS B 79 6.96 -3.90 5.13
CA LYS B 79 5.76 -3.07 5.26
C LYS B 79 4.81 -3.59 6.33
N GLN B 80 4.57 -4.91 6.37
CA GLN B 80 3.58 -5.48 7.27
C GLN B 80 4.21 -6.11 8.51
N SER B 81 5.49 -5.82 8.79
CA SER B 81 6.14 -6.39 9.96
C SER B 81 5.38 -6.01 11.22
N ASP B 82 5.34 -6.93 12.17
CA ASP B 82 4.78 -6.62 13.48
C ASP B 82 5.52 -5.43 14.10
N LEU B 83 4.81 -4.71 14.96
CA LEU B 83 5.41 -3.60 15.70
C LEU B 83 5.89 -4.14 17.03
N ALA B 84 7.20 -4.33 17.16
CA ALA B 84 7.78 -4.83 18.40
C ALA B 84 8.04 -3.64 19.32
N VAL B 85 7.50 -3.71 20.55
CA VAL B 85 7.51 -2.60 21.50
C VAL B 85 8.06 -3.12 22.83
N CYS B 86 9.07 -2.43 23.36
CA CYS B 86 9.59 -2.70 24.70
C CYS B 86 8.99 -1.70 25.66
N MET B 87 8.39 -2.19 26.74
CA MET B 87 7.75 -1.35 27.74
C MET B 87 8.55 -1.37 29.04
N THR B 88 8.85 -0.18 29.54
CA THR B 88 9.40 0.01 30.88
C THR B 88 8.51 1.00 31.61
N ILE B 89 8.67 1.07 32.93
CA ILE B 89 7.76 1.83 33.79
C ILE B 89 8.62 2.76 34.65
N ASN B 90 8.84 3.99 34.17
CA ASN B 90 9.65 4.94 34.94
C ASN B 90 8.96 5.37 36.23
N GLY B 91 7.68 5.02 36.42
CA GLY B 91 7.03 5.21 37.71
C GLY B 91 7.56 4.30 38.79
N LEU B 92 8.38 3.32 38.45
CA LEU B 92 9.00 2.42 39.41
C LEU B 92 10.44 2.84 39.67
N GLU B 93 10.89 2.67 40.92
CA GLU B 93 12.29 2.92 41.24
C GLU B 93 13.19 1.84 40.65
N THR B 94 12.75 0.59 40.72
CA THR B 94 13.45 -0.52 40.08
C THR B 94 12.43 -1.53 39.62
N ALA B 95 12.80 -2.32 38.60
CA ALA B 95 11.97 -3.42 38.13
C ALA B 95 12.21 -4.70 38.92
N GLU B 96 13.09 -4.68 39.90
CA GLU B 96 13.33 -5.87 40.70
C GLU B 96 12.08 -6.23 41.48
N GLY B 97 11.80 -7.52 41.57
CA GLY B 97 10.57 -7.97 42.21
C GLY B 97 9.32 -7.73 41.40
N LEU B 98 9.44 -7.25 40.18
CA LEU B 98 8.27 -7.03 39.35
C LEU B 98 7.74 -8.36 38.83
N ASP B 99 6.45 -8.60 39.07
CA ASP B 99 5.79 -9.82 38.57
C ASP B 99 5.43 -9.58 37.11
N CYS B 100 6.22 -10.15 36.21
CA CYS B 100 6.07 -9.86 34.79
C CYS B 100 4.79 -10.46 34.22
N VAL B 101 4.51 -11.72 34.53
CA VAL B 101 3.32 -12.37 34.00
C VAL B 101 2.06 -11.65 34.49
N ARG B 102 2.01 -11.31 35.78
CA ARG B 102 0.89 -10.55 36.30
C ARG B 102 0.76 -9.20 35.58
N THR B 103 1.88 -8.53 35.31
CA THR B 103 1.83 -7.24 34.62
C THR B 103 1.36 -7.41 33.19
N ILE B 104 1.80 -8.48 32.52
CA ILE B 104 1.31 -8.79 31.18
C ILE B 104 -0.21 -8.96 31.18
N GLU B 105 -0.73 -9.68 32.17
CA GLU B 105 -2.17 -9.89 32.25
C GLU B 105 -2.91 -8.57 32.46
N GLU B 106 -2.43 -7.77 33.41
CA GLU B 106 -3.07 -6.48 33.68
C GLU B 106 -2.99 -5.57 32.47
N LEU B 107 -1.88 -5.62 31.74
CA LEU B 107 -1.75 -4.83 30.52
C LEU B 107 -2.78 -5.26 29.48
N ALA B 108 -2.99 -6.57 29.35
CA ALA B 108 -4.02 -7.06 28.44
C ALA B 108 -5.38 -6.47 28.79
N ARG B 109 -5.76 -6.55 30.07
CA ARG B 109 -7.04 -6.00 30.52
C ARG B 109 -7.16 -4.53 30.15
N VAL B 110 -6.09 -3.76 30.31
CA VAL B 110 -6.13 -2.34 30.00
C VAL B 110 -6.34 -2.13 28.51
N LEU B 111 -5.62 -2.88 27.68
CA LEU B 111 -5.67 -2.68 26.23
C LEU B 111 -7.01 -3.09 25.64
N ARG B 112 -7.76 -3.96 26.32
CA ARG B 112 -9.10 -4.31 25.84
C ARG B 112 -10.05 -3.12 25.91
N LYS B 113 -9.70 -2.10 26.68
CA LYS B 113 -10.51 -0.88 26.77
C LYS B 113 -10.12 0.15 25.71
N HIS B 114 -9.17 -0.15 24.85
CA HIS B 114 -8.77 0.78 23.79
C HIS B 114 -9.64 0.53 22.56
N SER B 115 -10.41 1.54 22.17
CA SER B 115 -11.41 1.39 21.10
C SER B 115 -10.79 1.20 19.71
N GLY B 116 -9.48 1.40 19.56
CA GLY B 116 -8.81 1.19 18.30
C GLY B 116 -8.08 -0.12 18.18
N LEU B 117 -8.14 -0.99 19.18
CA LEU B 117 -7.41 -2.25 19.17
C LEU B 117 -8.39 -3.42 19.17
N ARG B 118 -7.95 -4.55 18.64
CA ARG B 118 -8.74 -5.76 18.62
C ARG B 118 -7.85 -6.96 18.90
N ASN B 119 -8.48 -8.05 19.35
CA ASN B 119 -7.81 -9.33 19.52
C ASN B 119 -6.63 -9.23 20.48
N ILE B 120 -6.89 -8.75 21.69
CA ILE B 120 -5.88 -8.73 22.73
C ILE B 120 -5.57 -10.16 23.14
N LEU B 121 -4.29 -10.49 23.17
CA LEU B 121 -3.87 -11.84 23.51
C LEU B 121 -2.64 -11.78 24.40
N PRO B 122 -2.75 -12.10 25.69
CA PRO B 122 -1.55 -12.23 26.52
C PRO B 122 -0.93 -13.60 26.35
N ILE B 123 0.36 -13.63 26.02
CA ILE B 123 1.13 -14.86 25.86
C ILE B 123 2.13 -14.90 27.01
N THR B 124 1.76 -15.58 28.09
CA THR B 124 2.55 -15.60 29.31
C THR B 124 3.47 -16.81 29.42
N THR B 125 3.29 -17.83 28.57
CA THR B 125 4.11 -19.02 28.63
C THR B 125 5.39 -18.91 27.82
N ALA B 126 5.46 -17.96 26.89
CA ALA B 126 6.65 -17.80 26.06
C ALA B 126 7.85 -17.42 26.92
N LYS B 127 9.05 -17.75 26.41
CA LYS B 127 10.27 -17.34 27.08
C LYS B 127 10.28 -15.83 27.32
N VAL B 128 9.85 -15.07 26.31
CA VAL B 128 9.65 -13.63 26.44
C VAL B 128 8.14 -13.37 26.44
N PRO B 129 7.50 -13.26 27.60
CA PRO B 129 6.06 -12.98 27.59
C PRO B 129 5.75 -11.67 26.87
N ILE B 130 4.66 -11.69 26.11
CA ILE B 130 4.22 -10.54 25.34
C ILE B 130 2.71 -10.46 25.42
N VAL B 131 2.18 -9.28 25.12
CA VAL B 131 0.76 -9.10 24.84
C VAL B 131 0.66 -8.68 23.38
N LYS B 132 -0.10 -9.44 22.60
CA LYS B 132 -0.29 -9.19 21.18
C LYS B 132 -1.67 -8.58 20.93
N PHE B 133 -1.76 -7.75 19.91
CA PHE B 133 -3.04 -7.20 19.53
C PHE B 133 -2.96 -6.61 18.14
N PHE B 134 -4.14 -6.36 17.58
CA PHE B 134 -4.29 -5.80 16.24
C PHE B 134 -4.66 -4.33 16.36
N HIS B 135 -3.94 -3.49 15.62
CA HIS B 135 -4.17 -2.03 15.58
C HIS B 135 -5.02 -1.74 14.34
N LEU B 136 -6.29 -1.41 14.57
CA LEU B 136 -7.29 -1.45 13.51
C LEU B 136 -6.85 -0.69 12.27
N ARG B 137 -6.42 0.55 12.47
CA ARG B 137 -6.09 1.70 11.62
C ARG B 137 -4.83 1.47 10.77
N SER B 138 -3.78 0.91 11.39
CA SER B 138 -2.56 0.61 10.65
C SER B 138 -2.61 -0.76 9.97
N GLY B 139 -3.50 -1.63 10.44
CA GLY B 139 -3.48 -3.01 9.98
C GLY B 139 -2.27 -3.79 10.44
N LEU B 140 -1.63 -3.34 11.52
CA LEU B 140 -0.43 -3.99 12.03
C LEU B 140 -0.73 -4.74 13.33
N GLU B 141 -0.01 -5.85 13.52
CA GLU B 141 0.03 -6.53 14.80
C GLU B 141 1.13 -5.92 15.66
N VAL B 142 0.85 -5.78 16.95
CA VAL B 142 1.77 -5.18 17.91
C VAL B 142 2.08 -6.21 19.00
N ASP B 143 3.36 -6.30 19.38
CA ASP B 143 3.82 -7.13 20.48
C ASP B 143 4.50 -6.24 21.51
N ILE B 144 4.00 -6.24 22.74
CA ILE B 144 4.62 -5.50 23.84
C ILE B 144 5.26 -6.50 24.78
N SER B 145 6.56 -6.37 24.96
CA SER B 145 7.32 -7.13 25.96
C SER B 145 7.74 -6.18 27.08
N LEU B 146 8.14 -6.77 28.20
CA LEU B 146 8.50 -6.02 29.42
C LEU B 146 9.99 -6.08 29.68
N TYR B 147 10.61 -4.91 29.82
CA TYR B 147 12.02 -4.80 30.14
C TYR B 147 12.85 -5.75 29.29
N ASN B 148 12.67 -5.64 27.98
CA ASN B 148 13.37 -6.46 26.99
C ASN B 148 14.68 -5.78 26.63
N THR B 149 15.59 -5.74 27.61
CA THR B 149 16.74 -4.85 27.55
C THR B 149 17.66 -5.21 26.38
N LEU B 150 18.05 -6.48 26.28
CA LEU B 150 19.01 -6.87 25.26
C LEU B 150 18.46 -6.78 23.85
N ALA B 151 17.13 -6.86 23.68
CA ALA B 151 16.57 -6.74 22.34
C ALA B 151 16.81 -5.34 21.77
N LEU B 152 16.78 -4.31 22.62
CA LEU B 152 17.10 -2.97 22.16
C LEU B 152 18.53 -2.89 21.64
N HIS B 153 19.44 -3.67 22.23
CA HIS B 153 20.84 -3.58 21.83
C HIS B 153 21.12 -4.39 20.56
N ASN B 154 20.55 -5.59 20.41
CA ASN B 154 20.80 -6.29 19.15
C ASN B 154 20.09 -5.58 18.00
N THR B 155 19.09 -4.75 18.30
CA THR B 155 18.51 -3.88 17.28
C THR B 155 19.51 -2.81 16.84
N ARG B 156 20.21 -2.19 17.80
CA ARG B 156 21.23 -1.20 17.44
C ARG B 156 22.38 -1.87 16.69
N LEU B 157 22.75 -3.09 17.09
CA LEU B 157 23.82 -3.81 16.40
C LEU B 157 23.47 -4.05 14.93
N LEU B 158 22.28 -4.61 14.67
CA LEU B 158 21.88 -4.92 13.30
C LEU B 158 21.71 -3.65 12.48
N SER B 159 21.24 -2.57 13.11
CA SER B 159 21.12 -1.30 12.41
C SER B 159 22.49 -0.80 11.97
N ALA B 160 23.50 -0.94 12.82
CA ALA B 160 24.85 -0.57 12.44
C ALA B 160 25.34 -1.39 11.25
N TYR B 161 25.13 -2.71 11.30
CA TYR B 161 25.49 -3.56 10.16
C TYR B 161 24.77 -3.12 8.89
N SER B 162 23.50 -2.73 9.01
CA SER B 162 22.72 -2.37 7.83
C SER B 162 23.29 -1.14 7.12
N ALA B 163 24.06 -0.31 7.81
CA ALA B 163 24.55 0.94 7.25
C ALA B 163 25.98 0.85 6.69
N ILE B 164 26.64 -0.30 6.83
CA ILE B 164 28.03 -0.42 6.39
C ILE B 164 28.11 -0.44 4.86
N ASP B 165 27.20 -1.14 4.20
CA ASP B 165 27.26 -1.38 2.76
C ASP B 165 25.85 -1.67 2.26
N PRO B 166 25.41 -1.05 1.17
CA PRO B 166 24.05 -1.34 0.67
C PRO B 166 23.80 -2.82 0.44
N ARG B 167 24.84 -3.59 0.09
CA ARG B 167 24.66 -5.01 -0.16
C ARG B 167 24.18 -5.74 1.08
N VAL B 168 24.50 -5.24 2.28
CA VAL B 168 23.98 -5.84 3.50
C VAL B 168 22.45 -5.79 3.50
N LYS B 169 21.88 -4.63 3.14
CA LYS B 169 20.43 -4.51 3.10
C LYS B 169 19.83 -5.33 1.97
N TYR B 170 20.39 -5.22 0.76
CA TYR B 170 19.89 -6.01 -0.37
C TYR B 170 19.82 -7.49 -0.01
N LEU B 171 20.86 -8.02 0.61
CA LEU B 171 20.92 -9.45 0.88
C LEU B 171 20.00 -9.85 2.03
N CYS B 172 19.91 -9.04 3.07
CA CYS B 172 19.01 -9.37 4.18
C CYS B 172 17.56 -9.32 3.74
N TYR B 173 17.22 -8.41 2.81
CA TYR B 173 15.86 -8.36 2.28
C TYR B 173 15.59 -9.54 1.36
N THR B 174 16.59 -9.97 0.59
CA THR B 174 16.44 -11.14 -0.27
C THR B 174 16.24 -12.40 0.57
N MET B 175 17.00 -12.54 1.66
CA MET B 175 16.80 -13.67 2.56
C MET B 175 15.41 -13.63 3.16
N LYS B 176 14.90 -12.44 3.46
CA LYS B 176 13.59 -12.33 4.10
C LYS B 176 12.49 -12.74 3.13
N VAL B 177 12.54 -12.24 1.89
CA VAL B 177 11.59 -12.67 0.87
C VAL B 177 11.65 -14.19 0.72
N PHE B 178 12.87 -14.73 0.61
CA PHE B 178 13.05 -16.16 0.37
C PHE B 178 12.39 -16.99 1.48
N THR B 179 12.66 -16.65 2.73
CA THR B 179 12.19 -17.46 3.84
C THR B 179 10.69 -17.26 4.08
N LYS B 180 10.17 -16.06 3.83
CA LYS B 180 8.73 -15.85 3.95
C LYS B 180 7.97 -16.61 2.88
N MET B 181 8.46 -16.57 1.63
CA MET B 181 7.78 -17.27 0.56
C MET B 181 7.79 -18.78 0.76
N CYS B 182 8.82 -19.31 1.42
CA CYS B 182 8.86 -20.73 1.77
C CYS B 182 8.15 -21.02 3.08
N ASP B 183 7.69 -19.98 3.78
CA ASP B 183 6.92 -20.14 5.02
C ASP B 183 7.76 -20.81 6.11
N ILE B 184 9.03 -20.40 6.22
CA ILE B 184 9.95 -20.97 7.19
C ILE B 184 10.51 -19.89 8.10
N GLY B 185 9.79 -18.78 8.23
CA GLY B 185 10.29 -17.64 8.98
C GLY B 185 9.44 -17.21 10.16
N ASP B 186 8.92 -18.17 10.92
CA ASP B 186 8.03 -17.88 12.04
C ASP B 186 8.31 -18.87 13.17
N ALA B 187 8.97 -18.40 14.23
CA ALA B 187 9.29 -19.29 15.35
C ALA B 187 8.03 -19.71 16.10
N SER B 188 6.97 -18.90 16.07
CA SER B 188 5.73 -19.27 16.75
C SER B 188 5.00 -20.40 16.04
N ARG B 189 5.53 -20.90 14.92
CA ARG B 189 4.96 -22.06 14.24
C ARG B 189 6.02 -23.14 13.98
N GLY B 190 7.21 -23.03 14.60
CA GLY B 190 8.20 -24.09 14.53
C GLY B 190 9.40 -23.78 13.66
N SER B 191 9.29 -22.82 12.73
CA SER B 191 10.41 -22.46 11.88
C SER B 191 11.31 -21.48 12.65
N LEU B 192 12.25 -20.85 11.98
CA LEU B 192 13.16 -19.92 12.65
C LEU B 192 12.69 -18.49 12.48
N SER B 193 13.08 -17.66 13.43
CA SER B 193 12.72 -16.24 13.39
C SER B 193 13.47 -15.53 12.28
N SER B 194 12.88 -14.43 11.80
CA SER B 194 13.57 -13.62 10.80
C SER B 194 14.89 -13.10 11.33
N TYR B 195 14.92 -12.74 12.62
CA TYR B 195 16.16 -12.31 13.25
C TYR B 195 17.25 -13.37 13.12
N ALA B 196 16.86 -14.65 13.24
CA ALA B 196 17.82 -15.74 13.11
C ALA B 196 18.37 -15.83 11.69
N TYR B 197 17.53 -15.60 10.68
CA TYR B 197 18.03 -15.66 9.31
C TYR B 197 18.94 -14.48 9.01
N THR B 198 18.63 -13.30 9.57
CA THR B 198 19.50 -12.15 9.38
C THR B 198 20.88 -12.40 9.96
N LEU B 199 20.95 -13.04 11.13
CA LEU B 199 22.24 -13.44 11.68
C LEU B 199 22.98 -14.36 10.71
N MET B 200 22.25 -15.25 10.03
CA MET B 200 22.88 -16.14 9.07
C MET B 200 23.49 -15.36 7.91
N VAL B 201 22.77 -14.33 7.42
CA VAL B 201 23.32 -13.49 6.36
C VAL B 201 24.58 -12.78 6.85
N LEU B 202 24.51 -12.15 8.01
CA LEU B 202 25.64 -11.41 8.53
C LEU B 202 26.84 -12.32 8.75
N TYR B 203 26.60 -13.55 9.22
CA TYR B 203 27.70 -14.48 9.42
C TYR B 203 28.37 -14.85 8.09
N PHE B 204 27.56 -15.12 7.07
CA PHE B 204 28.13 -15.40 5.75
C PHE B 204 28.98 -14.25 5.25
N LEU B 205 28.50 -13.02 5.44
CA LEU B 205 29.25 -11.85 4.97
C LEU B 205 30.51 -11.61 5.80
N GLN B 206 30.51 -12.02 7.07
CA GLN B 206 31.70 -11.89 7.90
C GLN B 206 32.75 -12.91 7.55
N GLN B 207 32.33 -14.12 7.17
CA GLN B 207 33.25 -15.19 6.84
C GLN B 207 33.71 -15.15 5.39
N ARG B 208 33.14 -14.28 4.57
CA ARG B 208 33.48 -14.25 3.15
C ARG B 208 34.93 -13.82 2.95
N ASN B 209 35.52 -14.30 1.86
CA ASN B 209 36.90 -13.98 1.50
C ASN B 209 36.94 -13.16 0.20
N PRO B 210 37.22 -11.85 0.29
CA PRO B 210 37.39 -11.06 1.52
C PRO B 210 36.05 -10.71 2.14
N PRO B 211 36.03 -10.37 3.42
CA PRO B 211 34.75 -10.12 4.09
C PRO B 211 34.07 -8.87 3.56
N VAL B 212 32.73 -8.93 3.54
CA VAL B 212 31.92 -7.78 3.17
C VAL B 212 31.69 -6.87 4.37
N ILE B 213 31.64 -7.44 5.57
CA ILE B 213 31.46 -6.66 6.80
C ILE B 213 32.42 -7.20 7.84
N PRO B 214 32.75 -6.38 8.83
CA PRO B 214 33.61 -6.85 9.91
C PRO B 214 32.82 -7.52 11.02
N VAL B 215 33.51 -7.90 12.10
CA VAL B 215 32.87 -8.30 13.35
C VAL B 215 32.92 -7.07 14.25
N LEU B 216 31.81 -6.31 14.29
CA LEU B 216 31.80 -5.05 15.01
C LEU B 216 32.12 -5.23 16.49
N GLN B 217 31.74 -6.36 17.07
CA GLN B 217 32.07 -6.62 18.48
C GLN B 217 33.55 -6.90 18.71
N GLU B 218 34.36 -6.96 17.65
CA GLU B 218 35.79 -7.19 17.77
C GLU B 218 36.61 -6.02 17.24
N ILE B 219 35.98 -4.89 16.92
CA ILE B 219 36.66 -3.69 16.47
C ILE B 219 36.59 -2.65 17.60
N TYR B 220 37.74 -2.08 17.94
CA TYR B 220 37.80 -1.03 18.95
C TYR B 220 39.04 -0.21 18.71
N LYS B 221 39.04 0.99 19.30
CA LYS B 221 40.08 1.98 19.02
C LYS B 221 41.33 1.80 19.85
N GLY B 222 41.37 0.82 20.75
CA GLY B 222 42.56 0.58 21.55
C GLY B 222 42.57 -0.76 22.26
N LYS B 225 39.45 -4.19 24.57
CA LYS B 225 38.05 -4.28 24.18
C LYS B 225 37.14 -3.73 25.27
N PRO B 226 36.40 -2.66 24.99
CA PRO B 226 35.52 -2.08 26.01
C PRO B 226 34.60 -3.13 26.61
N GLU B 227 34.24 -2.92 27.87
CA GLU B 227 33.39 -3.84 28.61
C GLU B 227 32.21 -3.06 29.19
N ILE B 228 31.03 -3.25 28.60
CA ILE B 228 29.78 -2.67 29.08
C ILE B 228 28.86 -3.85 29.36
N PHE B 229 28.66 -4.17 30.63
CA PHE B 229 27.94 -5.39 31.00
C PHE B 229 26.49 -5.06 31.38
N VAL B 230 25.56 -5.58 30.58
CA VAL B 230 24.14 -5.42 30.79
C VAL B 230 23.51 -6.81 30.87
N ASP B 231 22.75 -7.06 31.94
CA ASP B 231 22.15 -8.37 32.19
C ASP B 231 23.21 -9.46 32.14
N GLY B 232 24.41 -9.15 32.61
CA GLY B 232 25.48 -10.12 32.67
C GLY B 232 26.21 -10.37 31.38
N TRP B 233 25.94 -9.60 30.34
CA TRP B 233 26.58 -9.79 29.04
C TRP B 233 27.25 -8.51 28.58
N ASN B 234 28.43 -8.63 28.00
CA ASN B 234 29.08 -7.48 27.39
C ASN B 234 28.38 -7.10 26.09
N ILE B 235 27.85 -5.88 26.02
CA ILE B 235 27.07 -5.43 24.88
C ILE B 235 27.84 -4.42 24.03
N TYR B 236 29.15 -4.29 24.25
CA TYR B 236 29.92 -3.36 23.42
C TYR B 236 29.95 -3.81 21.97
N PHE B 237 29.90 -2.84 21.06
CA PHE B 237 30.22 -3.07 19.66
C PHE B 237 30.56 -1.72 19.03
N PHE B 238 31.44 -1.76 18.04
CA PHE B 238 31.84 -0.57 17.30
C PHE B 238 30.67 -0.07 16.44
N ASP B 239 30.24 1.18 16.66
CA ASP B 239 29.09 1.71 15.94
C ASP B 239 29.37 3.04 15.24
N GLN B 240 30.61 3.51 15.24
CA GLN B 240 31.00 4.71 14.49
C GLN B 240 31.35 4.33 13.05
N ILE B 241 30.30 4.00 12.29
CA ILE B 241 30.47 3.36 10.97
C ILE B 241 31.18 4.29 9.99
N ASP B 242 31.03 5.61 10.15
CA ASP B 242 31.72 6.54 9.27
C ASP B 242 33.23 6.41 9.37
N GLU B 243 33.74 6.07 10.55
CA GLU B 243 35.17 5.92 10.78
C GLU B 243 35.65 4.49 10.58
N LEU B 244 34.77 3.61 10.08
CA LEU B 244 35.14 2.21 9.89
C LEU B 244 36.36 2.03 8.99
N PRO B 245 36.56 2.81 7.93
CA PRO B 245 37.77 2.61 7.09
C PRO B 245 39.07 2.77 7.87
N THR B 246 39.05 3.45 9.01
CA THR B 246 40.27 3.64 9.78
C THR B 246 40.59 2.43 10.65
N TYR B 247 39.58 1.75 11.17
CA TYR B 247 39.79 0.68 12.14
C TYR B 247 39.49 -0.71 11.58
N TRP B 248 39.10 -0.82 10.31
CA TRP B 248 38.85 -2.10 9.67
C TRP B 248 39.76 -2.21 8.46
N SER B 249 40.79 -3.05 8.57
CA SER B 249 41.82 -3.12 7.53
C SER B 249 41.24 -3.60 6.22
N GLU B 250 40.38 -4.61 6.24
CA GLU B 250 39.86 -5.21 5.02
C GLU B 250 38.68 -4.44 4.43
N CYS B 251 38.54 -3.16 4.76
CA CYS B 251 37.41 -2.38 4.28
C CYS B 251 37.48 -2.20 2.77
N GLY B 252 36.34 -2.40 2.11
CA GLY B 252 36.23 -2.13 0.69
C GLY B 252 36.98 -3.06 -0.23
N LYS B 253 37.48 -4.19 0.28
CA LYS B 253 38.23 -5.12 -0.55
C LYS B 253 37.34 -6.13 -1.27
N ASN B 254 36.14 -6.39 -0.78
CA ASN B 254 35.21 -7.29 -1.46
C ASN B 254 34.35 -6.51 -2.44
N THR B 255 34.42 -6.89 -3.71
CA THR B 255 33.70 -6.19 -4.79
C THR B 255 32.70 -7.09 -5.51
N GLU B 256 32.31 -8.20 -4.92
CA GLU B 256 31.31 -9.06 -5.54
C GLU B 256 29.98 -8.32 -5.67
N SER B 257 29.24 -8.64 -6.72
CA SER B 257 27.92 -8.06 -6.88
C SER B 257 26.93 -8.74 -5.94
N VAL B 258 25.77 -8.10 -5.75
CA VAL B 258 24.76 -8.63 -4.83
C VAL B 258 24.33 -10.04 -5.27
N GLY B 259 24.12 -10.23 -6.57
CA GLY B 259 23.72 -11.54 -7.05
C GLY B 259 24.75 -12.61 -6.77
N GLN B 260 26.03 -12.28 -6.94
CA GLN B 260 27.09 -13.24 -6.63
C GLN B 260 27.04 -13.62 -5.15
N LEU B 261 26.81 -12.63 -4.27
CA LEU B 261 26.79 -12.91 -2.84
C LEU B 261 25.57 -13.73 -2.45
N TRP B 262 24.42 -13.48 -3.08
CA TRP B 262 23.22 -14.25 -2.76
C TRP B 262 23.37 -15.71 -3.19
N LEU B 263 23.88 -15.95 -4.40
CA LEU B 263 24.18 -17.33 -4.77
C LEU B 263 25.28 -17.89 -3.89
N GLY B 264 26.28 -17.06 -3.55
CA GLY B 264 27.34 -17.51 -2.67
C GLY B 264 26.82 -17.93 -1.31
N LEU B 265 25.80 -17.23 -0.80
CA LEU B 265 25.20 -17.60 0.47
C LEU B 265 24.47 -18.94 0.36
N LEU B 266 23.63 -19.10 -0.67
CA LEU B 266 22.96 -20.38 -0.88
C LEU B 266 23.96 -21.51 -0.98
N ARG B 267 25.06 -21.30 -1.70
CA ARG B 267 26.07 -22.35 -1.85
C ARG B 267 26.83 -22.55 -0.55
N PHE B 268 27.09 -21.47 0.18
CA PHE B 268 27.86 -21.58 1.42
C PHE B 268 27.16 -22.49 2.43
N TYR B 269 25.86 -22.30 2.61
CA TYR B 269 25.14 -23.04 3.64
C TYR B 269 24.64 -24.41 3.16
N THR B 270 24.75 -24.72 1.87
CA THR B 270 24.43 -26.06 1.39
C THR B 270 25.67 -26.89 1.06
N GLU B 271 26.75 -26.26 0.60
CA GLU B 271 27.96 -26.99 0.22
C GLU B 271 29.05 -26.94 1.28
N GLU B 272 29.28 -25.78 1.89
CA GLU B 272 30.49 -25.55 2.70
C GLU B 272 30.23 -25.71 4.20
N PHE B 273 29.26 -24.97 4.74
CA PHE B 273 29.12 -24.86 6.19
C PHE B 273 28.72 -26.20 6.80
N ASP B 274 29.43 -26.58 7.87
CA ASP B 274 29.20 -27.83 8.58
C ASP B 274 28.33 -27.52 9.80
N PHE B 275 27.03 -27.81 9.67
CA PHE B 275 26.07 -27.43 10.71
C PHE B 275 26.29 -28.19 12.01
N LYS B 276 26.75 -29.43 11.94
CA LYS B 276 26.93 -30.22 13.16
C LYS B 276 28.27 -29.97 13.83
N GLU B 277 29.19 -29.28 13.16
CA GLU B 277 30.50 -28.94 13.71
C GLU B 277 30.59 -27.50 14.19
N HIS B 278 30.01 -26.55 13.46
CA HIS B 278 30.23 -25.14 13.71
C HIS B 278 28.94 -24.45 14.13
N VAL B 279 29.09 -23.38 14.91
CA VAL B 279 27.99 -22.54 15.36
C VAL B 279 28.01 -21.25 14.57
N ILE B 280 26.84 -20.78 14.15
CA ILE B 280 26.70 -19.51 13.47
C ILE B 280 26.74 -18.43 14.55
N SER B 281 27.83 -17.65 14.56
CA SER B 281 28.13 -16.72 15.65
C SER B 281 28.76 -15.46 15.06
N ILE B 282 28.03 -14.34 15.10
CA ILE B 282 28.49 -13.10 14.49
C ILE B 282 29.31 -12.24 15.44
N ARG B 283 29.45 -12.64 16.70
CA ARG B 283 30.21 -11.87 17.69
C ARG B 283 31.71 -12.08 17.56
N ARG B 284 32.16 -13.08 16.82
CA ARG B 284 33.58 -13.36 16.69
C ARG B 284 33.85 -13.89 15.29
N LYS B 285 34.99 -13.47 14.71
CA LYS B 285 35.37 -13.97 13.40
C LYS B 285 35.95 -15.38 13.50
N SER B 286 36.52 -15.72 14.64
CA SER B 286 37.09 -17.04 14.85
C SER B 286 35.97 -18.07 14.89
N LEU B 287 36.18 -19.18 14.19
CA LEU B 287 35.18 -20.24 14.13
C LEU B 287 34.85 -20.74 15.53
N LEU B 288 33.57 -21.01 15.76
CA LEU B 288 33.07 -21.53 17.03
C LEU B 288 32.46 -22.90 16.79
N THR B 289 32.91 -23.90 17.56
CA THR B 289 32.42 -25.26 17.39
C THR B 289 31.25 -25.54 18.34
N THR B 290 30.32 -26.38 17.86
CA THR B 290 29.26 -26.88 18.73
C THR B 290 29.82 -27.62 19.93
N PHE B 291 31.04 -28.17 19.81
CA PHE B 291 31.64 -28.92 20.91
C PHE B 291 31.90 -28.03 22.11
N LYS B 292 32.62 -26.92 21.90
CA LYS B 292 32.90 -26.01 23.00
C LYS B 292 31.60 -25.47 23.59
N LYS B 293 30.70 -24.99 22.74
CA LYS B 293 29.43 -24.46 23.21
C LYS B 293 28.56 -25.51 23.86
N GLN B 294 28.84 -26.80 23.62
CA GLN B 294 28.00 -27.88 24.12
C GLN B 294 26.60 -27.79 23.53
N TRP B 295 26.53 -27.43 22.24
CA TRP B 295 25.27 -27.39 21.48
C TRP B 295 25.31 -28.36 20.32
N THR B 296 25.46 -29.65 20.59
CA THR B 296 25.57 -30.65 19.55
C THR B 296 24.27 -31.41 19.30
N SER B 297 23.23 -31.15 20.08
CA SER B 297 21.99 -31.93 19.94
C SER B 297 21.22 -31.53 18.67
N LYS B 298 21.19 -30.24 18.36
CA LYS B 298 20.45 -29.75 17.21
C LYS B 298 21.36 -29.62 16.00
N TYR B 299 20.74 -29.46 14.83
CA TYR B 299 21.48 -29.36 13.59
C TYR B 299 21.84 -27.91 13.25
N ILE B 300 20.84 -27.02 13.21
CA ILE B 300 21.08 -25.61 12.92
C ILE B 300 21.26 -24.89 14.24
N VAL B 301 22.48 -24.42 14.49
CA VAL B 301 22.86 -23.79 15.75
C VAL B 301 23.28 -22.36 15.46
N ILE B 302 22.59 -21.40 16.09
CA ILE B 302 22.81 -19.98 15.88
C ILE B 302 22.90 -19.31 17.25
N GLU B 303 24.00 -18.62 17.50
CA GLU B 303 24.27 -18.00 18.79
C GLU B 303 23.90 -16.52 18.76
N ASP B 304 23.14 -16.09 19.76
CA ASP B 304 22.79 -14.67 19.84
C ASP B 304 24.05 -13.85 20.08
N PRO B 305 24.21 -12.69 19.42
CA PRO B 305 25.47 -11.95 19.56
C PRO B 305 25.74 -11.49 20.98
N PHE B 306 24.72 -11.27 21.80
CA PHE B 306 24.90 -10.78 23.16
C PHE B 306 24.61 -11.83 24.22
N ASP B 307 23.44 -12.46 24.17
CA ASP B 307 23.07 -13.49 25.15
C ASP B 307 23.64 -14.81 24.65
N LEU B 308 24.87 -15.12 25.10
CA LEU B 308 25.57 -16.28 24.56
C LEU B 308 24.94 -17.60 25.00
N ASN B 309 24.02 -17.57 25.95
CA ASN B 309 23.31 -18.78 26.33
C ASN B 309 22.11 -19.07 25.44
N HIS B 310 21.83 -18.24 24.44
CA HIS B 310 20.63 -18.37 23.63
C HIS B 310 21.01 -18.92 22.26
N ASN B 311 20.58 -20.15 21.98
CA ASN B 311 20.67 -20.75 20.64
C ASN B 311 19.36 -20.49 19.93
N LEU B 312 19.40 -19.69 18.85
CA LEU B 312 18.19 -19.33 18.13
C LEU B 312 17.54 -20.51 17.43
N GLY B 313 18.25 -21.64 17.29
CA GLY B 313 17.70 -22.78 16.60
C GLY B 313 17.26 -23.89 17.53
N ALA B 314 17.09 -23.56 18.82
CA ALA B 314 16.80 -24.59 19.80
C ALA B 314 15.43 -25.23 19.60
N GLY B 315 14.48 -24.51 19.00
CA GLY B 315 13.13 -24.97 18.84
C GLY B 315 12.86 -25.77 17.59
N LEU B 316 13.88 -26.05 16.78
CA LEU B 316 13.69 -26.75 15.53
C LEU B 316 13.56 -28.26 15.75
N SER B 317 12.59 -28.85 15.06
CA SER B 317 12.48 -30.29 14.99
C SER B 317 13.29 -30.80 13.79
N ARG B 318 13.50 -32.11 13.76
CA ARG B 318 14.25 -32.69 12.64
C ARG B 318 13.49 -32.53 11.33
N LYS B 319 12.16 -32.63 11.38
CA LYS B 319 11.36 -32.44 10.18
C LYS B 319 11.48 -31.02 9.65
N MET B 320 11.38 -30.03 10.56
CA MET B 320 11.49 -28.64 10.13
C MET B 320 12.88 -28.35 9.57
N THR B 321 13.92 -28.87 10.21
CA THR B 321 15.28 -28.72 9.69
C THR B 321 15.38 -29.27 8.28
N ASN B 322 14.89 -30.49 8.07
CA ASN B 322 14.93 -31.08 6.73
C ASN B 322 14.18 -30.19 5.74
N PHE B 323 13.03 -29.64 6.14
CA PHE B 323 12.27 -28.79 5.24
C PHE B 323 13.03 -27.51 4.93
N ILE B 324 13.72 -26.95 5.92
CA ILE B 324 14.49 -25.73 5.69
C ILE B 324 15.65 -26.00 4.74
N MET B 325 16.39 -27.09 4.96
CA MET B 325 17.51 -27.39 4.09
C MET B 325 17.05 -27.69 2.67
N LYS B 326 15.92 -28.38 2.54
CA LYS B 326 15.32 -28.60 1.22
C LYS B 326 15.11 -27.29 0.48
N ALA B 327 14.53 -26.30 1.16
CA ALA B 327 14.28 -25.02 0.52
C ALA B 327 15.57 -24.39 0.01
N PHE B 328 16.63 -24.43 0.82
CA PHE B 328 17.88 -23.80 0.41
C PHE B 328 18.51 -24.55 -0.75
N ILE B 329 18.47 -25.89 -0.72
CA ILE B 329 19.02 -26.66 -1.84
C ILE B 329 18.30 -26.30 -3.13
N ASN B 330 16.96 -26.27 -3.09
CA ASN B 330 16.20 -25.87 -4.27
C ASN B 330 16.48 -24.42 -4.64
N GLY B 331 16.69 -23.56 -3.65
CA GLY B 331 17.05 -22.18 -3.96
C GLY B 331 18.38 -22.10 -4.68
N ARG B 332 19.35 -22.92 -4.25
CA ARG B 332 20.63 -23.01 -4.94
C ARG B 332 20.45 -23.29 -6.42
N ARG B 333 19.56 -24.24 -6.76
CA ARG B 333 19.37 -24.61 -8.16
C ARG B 333 18.69 -23.50 -8.94
N VAL B 334 17.66 -22.88 -8.38
CA VAL B 334 16.90 -21.86 -9.12
C VAL B 334 17.77 -20.65 -9.39
N PHE B 335 18.54 -20.22 -8.41
CA PHE B 335 19.41 -19.05 -8.54
C PHE B 335 20.75 -19.37 -9.18
N GLY B 336 21.11 -20.65 -9.30
CA GLY B 336 22.44 -21.02 -9.77
C GLY B 336 22.54 -21.44 -11.22
N ILE B 337 21.41 -21.80 -11.84
CA ILE B 337 21.40 -22.32 -13.21
C ILE B 337 20.89 -21.22 -14.14
N PRO B 338 21.73 -20.64 -15.00
CA PRO B 338 21.25 -19.56 -15.88
C PRO B 338 20.13 -20.00 -16.80
N VAL B 339 19.30 -19.04 -17.18
CA VAL B 339 18.25 -19.25 -18.16
C VAL B 339 18.26 -18.11 -19.17
N SER B 348 7.03 -10.85 -14.58
CA SER B 348 7.66 -10.62 -13.29
C SER B 348 8.75 -11.65 -12.98
N LYS B 349 9.98 -11.16 -12.80
CA LYS B 349 11.09 -12.03 -12.42
C LYS B 349 10.89 -12.61 -11.03
N MET B 350 10.18 -11.88 -10.16
CA MET B 350 10.01 -12.30 -8.77
C MET B 350 9.26 -13.62 -8.67
N GLU B 351 8.23 -13.81 -9.50
CA GLU B 351 7.42 -15.02 -9.43
C GLU B 351 8.22 -16.25 -9.85
N TYR B 352 9.19 -16.08 -10.76
CA TYR B 352 10.00 -17.21 -11.19
C TYR B 352 10.97 -17.64 -10.09
N PHE B 353 11.70 -16.69 -9.53
CA PHE B 353 12.77 -17.05 -8.59
C PHE B 353 12.25 -17.42 -7.22
N PHE B 354 11.08 -16.90 -6.82
CA PHE B 354 10.54 -17.17 -5.49
C PHE B 354 9.22 -17.93 -5.57
N ASP B 355 9.22 -19.04 -6.32
CA ASP B 355 8.03 -19.85 -6.53
C ASP B 355 7.96 -20.90 -5.43
N PRO B 356 7.01 -20.84 -4.51
CA PRO B 356 6.98 -21.87 -3.45
C PRO B 356 6.77 -23.27 -3.98
N ASP B 357 6.03 -23.43 -5.09
CA ASP B 357 5.85 -24.75 -5.67
C ASP B 357 7.19 -25.38 -6.05
N VAL B 358 8.15 -24.58 -6.47
CA VAL B 358 9.47 -25.09 -6.83
C VAL B 358 10.36 -25.21 -5.60
N LEU B 359 10.41 -24.16 -4.77
CA LEU B 359 11.36 -24.14 -3.66
C LEU B 359 11.02 -25.16 -2.58
N THR B 360 9.73 -25.34 -2.29
CA THR B 360 9.29 -26.32 -1.33
C THR B 360 8.59 -27.51 -1.98
N GLU B 361 8.55 -27.55 -3.31
CA GLU B 361 8.00 -28.71 -4.06
C GLU B 361 6.55 -28.98 -3.66
N GLY B 362 5.72 -27.93 -3.69
CA GLY B 362 4.31 -28.04 -3.39
C GLY B 362 3.98 -28.41 -1.96
N GLU B 363 4.95 -28.82 -1.15
CA GLU B 363 4.71 -29.17 0.23
C GLU B 363 4.55 -27.92 1.08
N LEU B 364 3.79 -28.05 2.17
CA LEU B 364 3.66 -27.01 3.16
C LEU B 364 4.56 -27.35 4.36
N ALA B 365 5.00 -26.31 5.05
CA ALA B 365 5.95 -26.51 6.13
C ALA B 365 5.35 -27.42 7.21
N PRO B 366 6.14 -28.29 7.82
CA PRO B 366 5.60 -29.12 8.90
C PRO B 366 5.07 -28.28 10.04
N ASN B 367 4.19 -28.88 10.84
CA ASN B 367 3.50 -28.15 11.90
C ASN B 367 3.16 -29.09 13.06
N ASP B 368 4.06 -30.05 13.33
CA ASP B 368 3.75 -31.07 14.33
C ASP B 368 3.69 -30.47 15.74
N ARG B 369 4.58 -29.53 16.05
CA ARG B 369 4.61 -28.91 17.37
C ARG B 369 3.53 -27.86 17.56
N CYS B 370 2.70 -27.60 16.54
CA CYS B 370 1.72 -26.53 16.59
C CYS B 370 0.40 -27.02 17.17
N CYS B 371 -0.37 -26.08 17.73
CA CYS B 371 -1.69 -26.36 18.27
C CYS B 371 -2.68 -26.61 17.15
N GLU C 12 -15.75 9.75 -35.37
CA GLU C 12 -14.67 10.73 -35.50
C GLU C 12 -13.37 10.06 -35.94
N PRO C 13 -12.74 10.58 -36.99
CA PRO C 13 -11.49 9.97 -37.46
C PRO C 13 -10.34 10.22 -36.51
N LEU C 14 -9.44 9.26 -36.45
CA LEU C 14 -8.26 9.38 -35.59
C LEU C 14 -7.04 9.80 -36.39
N PRO C 15 -6.18 10.65 -35.85
CA PRO C 15 -4.97 11.02 -36.56
C PRO C 15 -3.96 9.91 -36.52
N PRO C 16 -2.94 9.93 -37.36
CA PRO C 16 -1.91 8.90 -37.29
C PRO C 16 -1.16 8.96 -35.97
N LEU C 17 -0.63 7.81 -35.57
CA LEU C 17 0.04 7.65 -34.29
C LEU C 17 1.53 7.96 -34.44
N THR C 18 2.08 8.73 -33.49
CA THR C 18 3.49 9.04 -33.52
C THR C 18 4.28 8.13 -32.58
N PRO C 19 5.57 7.94 -32.83
CA PRO C 19 6.36 7.13 -31.89
C PRO C 19 6.33 7.66 -30.47
N LYS C 20 6.34 8.98 -30.31
CA LYS C 20 6.35 9.58 -28.97
C LYS C 20 5.04 9.34 -28.24
N PHE C 21 3.90 9.49 -28.93
CA PHE C 21 2.63 9.25 -28.27
C PHE C 21 2.42 7.76 -27.99
N LEU C 22 2.80 6.90 -28.94
CA LEU C 22 2.70 5.47 -28.70
C LEU C 22 3.48 5.07 -27.46
N ASN C 23 4.71 5.59 -27.33
CA ASN C 23 5.53 5.28 -26.16
C ASN C 23 4.78 5.60 -24.87
N ILE C 24 4.04 6.71 -24.86
CA ILE C 24 3.23 7.06 -23.70
C ILE C 24 2.14 6.02 -23.47
N LEU C 25 1.48 5.58 -24.55
CA LEU C 25 0.45 4.54 -24.40
C LEU C 25 1.04 3.26 -23.84
N ASP C 26 2.20 2.84 -24.35
CA ASP C 26 2.87 1.65 -23.80
C ASP C 26 3.07 1.82 -22.30
N GLN C 27 3.56 2.99 -21.88
CA GLN C 27 3.86 3.21 -20.47
C GLN C 27 2.60 3.16 -19.61
N VAL C 28 1.51 3.75 -20.10
CA VAL C 28 0.27 3.73 -19.34
C VAL C 28 -0.20 2.30 -19.12
N CYS C 29 -0.20 1.50 -20.19
CA CYS C 29 -0.64 0.11 -20.07
C CYS C 29 0.23 -0.65 -19.09
N ILE C 30 1.55 -0.46 -19.16
CA ILE C 30 2.45 -1.18 -18.27
C ILE C 30 2.26 -0.71 -16.83
N GLN C 31 1.97 0.59 -16.63
CA GLN C 31 1.74 1.08 -15.28
C GLN C 31 0.45 0.52 -14.69
N CYS C 32 -0.55 0.25 -15.52
CA CYS C 32 -1.74 -0.42 -15.01
C CYS C 32 -1.37 -1.73 -14.34
N TYR C 33 -0.37 -2.44 -14.87
CA TYR C 33 0.08 -3.69 -14.25
C TYR C 33 0.93 -3.42 -13.01
N LYS C 34 1.91 -2.52 -13.10
CA LYS C 34 2.83 -2.32 -11.99
C LYS C 34 2.14 -1.69 -10.79
N ASP C 35 1.18 -0.79 -11.01
CA ASP C 35 0.54 -0.10 -9.89
C ASP C 35 -0.46 -0.99 -9.15
N PHE C 36 -1.08 -1.96 -9.82
CA PHE C 36 -2.22 -2.66 -9.24
C PHE C 36 -2.03 -4.17 -9.12
N SER C 37 -0.93 -4.74 -9.63
CA SER C 37 -0.68 -6.16 -9.39
C SER C 37 -0.16 -6.37 -7.97
N PRO C 38 -0.56 -7.46 -7.30
CA PRO C 38 -0.02 -7.72 -5.96
C PRO C 38 1.42 -8.20 -6.01
N THR C 39 2.14 -7.96 -4.92
CA THR C 39 3.45 -8.58 -4.76
C THR C 39 3.26 -10.06 -4.44
N ILE C 40 4.36 -10.81 -4.59
CA ILE C 40 4.36 -12.23 -4.22
C ILE C 40 4.13 -12.39 -2.72
N ILE C 41 4.58 -11.42 -1.92
CA ILE C 41 4.30 -11.47 -0.49
C ILE C 41 2.81 -11.30 -0.23
N GLU C 42 2.15 -10.41 -0.98
CA GLU C 42 0.72 -10.25 -0.85
C GLU C 42 -0.02 -11.50 -1.32
N ASP C 43 0.47 -12.15 -2.39
CA ASP C 43 -0.13 -13.41 -2.82
C ASP C 43 -0.01 -14.47 -1.74
N GLN C 44 1.18 -14.57 -1.12
CA GLN C 44 1.39 -15.52 -0.04
C GLN C 44 0.43 -15.29 1.11
N ALA C 45 0.08 -14.03 1.39
CA ALA C 45 -0.87 -13.74 2.46
C ALA C 45 -2.25 -14.30 2.14
N ARG C 46 -2.66 -14.30 0.87
CA ARG C 46 -3.95 -14.88 0.51
C ARG C 46 -3.95 -16.37 0.74
N GLU C 47 -2.83 -17.03 0.43
CA GLU C 47 -2.70 -18.47 0.68
C GLU C 47 -2.74 -18.76 2.18
N HIS C 48 -2.15 -17.88 2.98
CA HIS C 48 -2.21 -18.07 4.42
C HIS C 48 -3.64 -17.95 4.92
N ILE C 49 -4.40 -17.01 4.38
CA ILE C 49 -5.80 -16.88 4.75
C ILE C 49 -6.56 -18.14 4.38
N ARG C 50 -6.31 -18.68 3.19
CA ARG C 50 -6.95 -19.91 2.76
C ARG C 50 -6.70 -21.03 3.77
N GLN C 51 -5.45 -21.18 4.22
CA GLN C 51 -5.12 -22.21 5.21
C GLN C 51 -5.87 -22.00 6.51
N ASN C 52 -5.89 -20.77 7.01
CA ASN C 52 -6.60 -20.47 8.26
C ASN C 52 -8.09 -20.79 8.12
N LEU C 53 -8.71 -20.32 7.04
CA LEU C 53 -10.14 -20.59 6.85
C LEU C 53 -10.41 -22.08 6.75
N GLU C 54 -9.54 -22.80 6.06
CA GLU C 54 -9.75 -24.22 5.88
C GLU C 54 -9.68 -24.97 7.22
N SER C 55 -8.70 -24.63 8.06
CA SER C 55 -8.59 -25.25 9.36
C SER C 55 -9.81 -24.93 10.23
N PHE C 56 -10.28 -23.69 10.18
CA PHE C 56 -11.45 -23.33 10.98
C PHE C 56 -12.68 -24.10 10.55
N ILE C 57 -12.97 -24.10 9.25
CA ILE C 57 -14.17 -24.76 8.75
C ILE C 57 -14.11 -26.27 8.99
N ARG C 58 -12.92 -26.85 9.05
CA ARG C 58 -12.79 -28.29 9.25
C ARG C 58 -13.30 -28.73 10.61
N GLN C 59 -13.39 -27.82 11.58
CA GLN C 59 -13.93 -28.15 12.89
C GLN C 59 -15.40 -28.57 12.79
N ASP C 60 -16.17 -27.93 11.91
CA ASP C 60 -17.58 -28.24 11.72
C ASP C 60 -17.86 -29.08 10.49
N PHE C 61 -17.04 -28.97 9.44
CA PHE C 61 -17.14 -29.76 8.22
C PHE C 61 -15.81 -30.48 8.04
N PRO C 62 -15.57 -31.56 8.79
CA PRO C 62 -14.32 -32.29 8.61
C PRO C 62 -14.17 -32.77 7.18
N GLY C 63 -12.92 -32.80 6.71
CA GLY C 63 -12.66 -33.11 5.32
C GLY C 63 -12.77 -31.94 4.37
N THR C 64 -13.11 -30.74 4.85
CA THR C 64 -13.22 -29.59 3.96
C THR C 64 -11.91 -29.31 3.26
N LYS C 65 -12.01 -28.96 1.98
CA LYS C 65 -10.88 -28.49 1.19
C LYS C 65 -11.27 -27.14 0.58
N LEU C 66 -10.41 -26.15 0.74
CA LEU C 66 -10.62 -24.83 0.15
C LEU C 66 -9.59 -24.61 -0.95
N SER C 67 -10.06 -24.16 -2.11
CA SER C 67 -9.19 -23.88 -3.25
C SER C 67 -9.45 -22.45 -3.71
N LEU C 68 -8.37 -21.68 -3.88
CA LEU C 68 -8.47 -20.33 -4.43
C LEU C 68 -8.64 -20.38 -5.93
N PHE C 69 -9.49 -19.49 -6.45
CA PHE C 69 -9.65 -19.35 -7.89
C PHE C 69 -9.90 -17.88 -8.23
N GLY C 70 -10.30 -17.64 -9.47
CA GLY C 70 -10.60 -16.29 -9.90
C GLY C 70 -9.33 -15.47 -10.05
N SER C 71 -9.48 -14.17 -9.83
CA SER C 71 -8.40 -13.24 -10.12
C SER C 71 -7.21 -13.42 -9.18
N SER C 72 -7.41 -14.04 -8.02
CA SER C 72 -6.27 -14.36 -7.15
C SER C 72 -5.32 -15.39 -7.77
N LYS C 73 -5.76 -16.13 -8.79
CA LYS C 73 -4.97 -17.22 -9.34
C LYS C 73 -4.87 -17.25 -10.85
N ASN C 74 -5.62 -16.42 -11.57
CA ASN C 74 -5.62 -16.51 -13.03
C ASN C 74 -4.63 -15.58 -13.69
N GLY C 75 -3.82 -14.87 -12.90
CA GLY C 75 -2.79 -13.99 -13.41
C GLY C 75 -3.19 -12.53 -13.56
N PHE C 76 -4.42 -12.18 -13.20
CA PHE C 76 -4.93 -10.84 -13.45
C PHE C 76 -5.47 -10.17 -12.19
N GLY C 77 -5.03 -10.61 -11.01
CA GLY C 77 -5.57 -10.07 -9.77
C GLY C 77 -5.09 -8.67 -9.47
N PHE C 78 -5.94 -7.92 -8.77
CA PHE C 78 -5.62 -6.61 -8.19
C PHE C 78 -5.30 -6.79 -6.71
N LYS C 79 -4.61 -5.81 -6.14
CA LYS C 79 -4.29 -5.86 -4.71
C LYS C 79 -5.53 -6.05 -3.83
N GLN C 80 -6.64 -5.38 -4.16
CA GLN C 80 -7.85 -5.43 -3.34
C GLN C 80 -8.92 -6.36 -3.90
N SER C 81 -8.58 -7.23 -4.84
CA SER C 81 -9.56 -8.16 -5.37
C SER C 81 -10.10 -9.06 -4.27
N ASP C 82 -11.37 -9.42 -4.39
CA ASP C 82 -11.96 -10.41 -3.50
C ASP C 82 -11.18 -11.72 -3.54
N LEU C 83 -11.24 -12.45 -2.43
CA LEU C 83 -10.64 -13.78 -2.34
C LEU C 83 -11.75 -14.78 -2.67
N ALA C 84 -11.69 -15.35 -3.86
CA ALA C 84 -12.68 -16.32 -4.30
C ALA C 84 -12.23 -17.71 -3.88
N VAL C 85 -13.04 -18.37 -3.07
CA VAL C 85 -12.70 -19.67 -2.49
C VAL C 85 -13.75 -20.70 -2.93
N CYS C 86 -13.28 -21.85 -3.41
CA CYS C 86 -14.14 -22.98 -3.74
C CYS C 86 -14.00 -24.01 -2.61
N MET C 87 -15.12 -24.38 -2.01
CA MET C 87 -15.15 -25.36 -0.94
C MET C 87 -15.65 -26.70 -1.48
N THR C 88 -14.89 -27.76 -1.18
CA THR C 88 -15.34 -29.12 -1.42
C THR C 88 -15.10 -29.91 -0.13
N ILE C 89 -15.61 -31.13 -0.10
CA ILE C 89 -15.52 -32.01 1.07
C ILE C 89 -15.00 -33.37 0.63
N ASN C 90 -13.90 -33.80 1.25
CA ASN C 90 -13.29 -35.08 0.89
C ASN C 90 -14.29 -36.21 1.09
N GLY C 91 -14.34 -37.12 0.13
CA GLY C 91 -15.31 -38.18 0.12
C GLY C 91 -16.52 -37.90 -0.74
N LEU C 92 -16.80 -36.62 -1.04
CA LEU C 92 -17.85 -36.21 -1.95
C LEU C 92 -17.18 -35.70 -3.22
N GLU C 93 -17.13 -36.53 -4.27
CA GLU C 93 -16.46 -36.13 -5.50
C GLU C 93 -17.19 -34.99 -6.19
N THR C 94 -18.52 -34.99 -6.12
CA THR C 94 -19.34 -33.95 -6.72
C THR C 94 -20.41 -33.52 -5.73
N ALA C 95 -21.15 -32.48 -6.10
CA ALA C 95 -22.26 -32.01 -5.28
C ALA C 95 -23.54 -32.79 -5.52
N GLU C 96 -23.49 -33.88 -6.28
CA GLU C 96 -24.67 -34.67 -6.56
C GLU C 96 -25.34 -35.07 -5.26
N GLY C 97 -26.64 -34.77 -5.16
CA GLY C 97 -27.40 -35.11 -3.99
C GLY C 97 -27.12 -34.27 -2.77
N LEU C 98 -26.23 -33.30 -2.86
CA LEU C 98 -25.87 -32.49 -1.71
C LEU C 98 -26.84 -31.32 -1.61
N ASP C 99 -27.40 -31.11 -0.43
CA ASP C 99 -28.28 -29.98 -0.18
C ASP C 99 -27.41 -28.75 -0.05
N CYS C 100 -27.21 -28.07 -1.18
CA CYS C 100 -26.22 -27.00 -1.23
C CYS C 100 -26.69 -25.78 -0.45
N VAL C 101 -27.97 -25.41 -0.57
CA VAL C 101 -28.47 -24.24 0.15
C VAL C 101 -28.35 -24.45 1.65
N ARG C 102 -28.69 -25.65 2.13
CA ARG C 102 -28.56 -25.93 3.56
C ARG C 102 -27.11 -25.91 4.00
N THR C 103 -26.20 -26.40 3.15
CA THR C 103 -24.78 -26.38 3.49
C THR C 103 -24.26 -24.94 3.53
N ILE C 104 -24.68 -24.10 2.57
CA ILE C 104 -24.31 -22.69 2.59
C ILE C 104 -24.76 -22.03 3.89
N GLU C 105 -26.00 -22.29 4.29
CA GLU C 105 -26.56 -21.68 5.50
C GLU C 105 -25.80 -22.13 6.74
N GLU C 106 -25.43 -23.40 6.80
CA GLU C 106 -24.68 -23.90 7.95
C GLU C 106 -23.28 -23.31 7.97
N LEU C 107 -22.65 -23.18 6.80
CA LEU C 107 -21.33 -22.58 6.72
C LEU C 107 -21.37 -21.14 7.22
N ALA C 108 -22.42 -20.39 6.89
CA ALA C 108 -22.53 -19.03 7.38
C ALA C 108 -22.59 -18.99 8.90
N ARG C 109 -23.32 -19.93 9.51
CA ARG C 109 -23.42 -19.97 10.96
C ARG C 109 -22.06 -20.26 11.59
N VAL C 110 -21.35 -21.25 11.07
CA VAL C 110 -20.03 -21.60 11.58
C VAL C 110 -19.10 -20.39 11.52
N LEU C 111 -19.11 -19.66 10.40
CA LEU C 111 -18.17 -18.56 10.22
C LEU C 111 -18.43 -17.40 11.18
N ARG C 112 -19.66 -17.27 11.69
CA ARG C 112 -19.94 -16.23 12.66
C ARG C 112 -19.26 -16.47 14.00
N LYS C 113 -18.71 -17.65 14.22
CA LYS C 113 -17.94 -17.93 15.42
C LYS C 113 -16.46 -17.61 15.24
N HIS C 114 -16.06 -17.13 14.06
CA HIS C 114 -14.68 -16.78 13.79
C HIS C 114 -14.44 -15.31 14.18
N SER C 115 -13.52 -15.08 15.13
CA SER C 115 -13.34 -13.75 15.71
C SER C 115 -12.68 -12.77 14.74
N GLY C 116 -12.09 -13.25 13.66
CA GLY C 116 -11.44 -12.41 12.68
C GLY C 116 -12.29 -12.03 11.48
N LEU C 117 -13.58 -12.35 11.49
CA LEU C 117 -14.45 -12.05 10.37
C LEU C 117 -15.59 -11.15 10.82
N ARG C 118 -16.16 -10.43 9.84
CA ARG C 118 -17.27 -9.51 10.06
C ARG C 118 -18.24 -9.63 8.89
N ASN C 119 -19.49 -9.28 9.15
CA ASN C 119 -20.49 -9.11 8.11
C ASN C 119 -20.66 -10.37 7.26
N ILE C 120 -20.85 -11.51 7.94
CA ILE C 120 -21.17 -12.74 7.22
C ILE C 120 -22.47 -12.54 6.47
N LEU C 121 -22.48 -12.90 5.19
CA LEU C 121 -23.67 -12.69 4.38
C LEU C 121 -23.85 -13.82 3.38
N PRO C 122 -24.80 -14.73 3.58
CA PRO C 122 -25.08 -15.74 2.56
C PRO C 122 -25.97 -15.17 1.46
N ILE C 123 -25.55 -15.36 0.22
CA ILE C 123 -26.29 -14.92 -0.96
C ILE C 123 -26.76 -16.17 -1.68
N THR C 124 -27.99 -16.58 -1.41
CA THR C 124 -28.56 -17.81 -1.94
C THR C 124 -29.40 -17.60 -3.20
N THR C 125 -29.64 -16.34 -3.60
CA THR C 125 -30.44 -16.05 -4.77
C THR C 125 -29.60 -15.91 -6.04
N ALA C 126 -28.28 -16.03 -5.94
CA ALA C 126 -27.42 -15.98 -7.12
C ALA C 126 -27.33 -17.33 -7.79
N LYS C 127 -27.08 -17.32 -9.09
CA LYS C 127 -26.89 -18.58 -9.81
C LYS C 127 -25.80 -19.41 -9.14
N VAL C 128 -24.74 -18.77 -8.66
CA VAL C 128 -23.72 -19.44 -7.86
C VAL C 128 -23.85 -18.94 -6.43
N PRO C 129 -24.54 -19.65 -5.55
CA PRO C 129 -24.64 -19.19 -4.17
C PRO C 129 -23.28 -19.08 -3.50
N ILE C 130 -23.11 -18.03 -2.70
CA ILE C 130 -21.86 -17.78 -1.99
C ILE C 130 -22.18 -17.31 -0.58
N VAL C 131 -21.26 -17.57 0.33
CA VAL C 131 -21.24 -16.87 1.61
C VAL C 131 -20.08 -15.89 1.54
N LYS C 132 -20.37 -14.61 1.71
CA LYS C 132 -19.33 -13.61 1.68
C LYS C 132 -19.18 -12.96 3.06
N PHE C 133 -17.98 -12.45 3.32
CA PHE C 133 -17.67 -11.85 4.61
C PHE C 133 -16.40 -11.03 4.49
N PHE C 134 -16.16 -10.22 5.51
CA PHE C 134 -15.02 -9.32 5.58
C PHE C 134 -13.97 -9.96 6.49
N HIS C 135 -12.74 -10.03 6.00
CA HIS C 135 -11.60 -10.54 6.76
C HIS C 135 -10.84 -9.36 7.37
N LEU C 136 -10.91 -9.23 8.70
CA LEU C 136 -10.42 -8.03 9.39
C LEU C 136 -8.95 -7.76 9.08
N ARG C 137 -8.09 -8.75 9.27
CA ARG C 137 -6.65 -8.48 9.26
C ARG C 137 -6.16 -8.09 7.88
N SER C 138 -6.76 -8.61 6.82
CA SER C 138 -6.33 -8.28 5.47
C SER C 138 -7.13 -7.16 4.83
N GLY C 139 -8.32 -6.85 5.36
CA GLY C 139 -9.19 -5.91 4.70
C GLY C 139 -9.82 -6.43 3.43
N LEU C 140 -9.75 -7.73 3.18
CA LEU C 140 -10.30 -8.31 1.96
C LEU C 140 -11.69 -8.87 2.20
N GLU C 141 -12.53 -8.76 1.18
CA GLU C 141 -13.78 -9.50 1.14
C GLU C 141 -13.51 -10.91 0.63
N VAL C 142 -14.20 -11.89 1.20
CA VAL C 142 -14.04 -13.29 0.83
C VAL C 142 -15.39 -13.83 0.37
N ASP C 143 -15.37 -14.66 -0.66
CA ASP C 143 -16.57 -15.32 -1.19
C ASP C 143 -16.29 -16.81 -1.29
N ILE C 144 -17.04 -17.62 -0.53
CA ILE C 144 -16.92 -19.06 -0.58
C ILE C 144 -18.11 -19.62 -1.33
N SER C 145 -17.84 -20.40 -2.37
CA SER C 145 -18.84 -21.14 -3.14
C SER C 145 -18.59 -22.63 -2.98
N LEU C 146 -19.62 -23.43 -3.28
CA LEU C 146 -19.59 -24.88 -3.11
C LEU C 146 -19.45 -25.58 -4.44
N TYR C 147 -18.44 -26.43 -4.55
CA TYR C 147 -18.22 -27.28 -5.73
C TYR C 147 -18.31 -26.46 -7.02
N ASN C 148 -17.61 -25.32 -6.99
CA ASN C 148 -17.53 -24.41 -8.13
C ASN C 148 -16.45 -24.88 -9.11
N THR C 149 -16.61 -26.11 -9.59
CA THR C 149 -15.52 -26.80 -10.26
C THR C 149 -15.14 -26.12 -11.56
N LEU C 150 -16.11 -25.65 -12.35
CA LEU C 150 -15.78 -25.03 -13.62
C LEU C 150 -15.00 -23.74 -13.44
N ALA C 151 -15.25 -23.01 -12.35
CA ALA C 151 -14.48 -21.79 -12.10
C ALA C 151 -13.01 -22.10 -11.84
N LEU C 152 -12.72 -23.26 -11.22
CA LEU C 152 -11.34 -23.68 -11.08
C LEU C 152 -10.68 -23.89 -12.44
N HIS C 153 -11.43 -24.41 -13.40
CA HIS C 153 -10.85 -24.70 -14.70
C HIS C 153 -10.71 -23.45 -15.55
N ASN C 154 -11.65 -22.50 -15.49
CA ASN C 154 -11.45 -21.29 -16.28
C ASN C 154 -10.40 -20.39 -15.64
N THR C 155 -10.14 -20.54 -14.35
CA THR C 155 -8.97 -19.91 -13.75
C THR C 155 -7.68 -20.45 -14.36
N ARG C 156 -7.58 -21.77 -14.50
CA ARG C 156 -6.40 -22.37 -15.12
C ARG C 156 -6.29 -21.93 -16.59
N LEU C 157 -7.43 -21.83 -17.28
CA LEU C 157 -7.40 -21.42 -18.67
C LEU C 157 -6.83 -20.01 -18.81
N LEU C 158 -7.38 -19.06 -18.04
CA LEU C 158 -6.89 -17.68 -18.12
C LEU C 158 -5.44 -17.57 -17.68
N SER C 159 -5.05 -18.35 -16.67
CA SER C 159 -3.66 -18.35 -16.25
C SER C 159 -2.74 -18.80 -17.38
N ALA C 160 -3.16 -19.81 -18.14
CA ALA C 160 -2.35 -20.28 -19.26
C ALA C 160 -2.22 -19.22 -20.33
N TYR C 161 -3.31 -18.50 -20.62
CA TYR C 161 -3.24 -17.40 -21.58
C TYR C 161 -2.30 -16.31 -21.08
N SER C 162 -2.34 -16.01 -19.78
CA SER C 162 -1.50 -14.93 -19.24
C SER C 162 -0.02 -15.25 -19.33
N ALA C 163 0.35 -16.52 -19.47
CA ALA C 163 1.74 -16.91 -19.56
C ALA C 163 2.27 -16.97 -20.99
N ILE C 164 1.41 -16.81 -21.99
CA ILE C 164 1.86 -16.95 -23.37
C ILE C 164 2.70 -15.74 -23.78
N ASP C 165 2.32 -14.55 -23.35
CA ASP C 165 2.95 -13.33 -23.83
C ASP C 165 2.75 -12.21 -22.81
N PRO C 166 3.79 -11.48 -22.43
CA PRO C 166 3.59 -10.41 -21.43
C PRO C 166 2.51 -9.41 -21.82
N ARG C 167 2.27 -9.22 -23.12
CA ARG C 167 1.27 -8.28 -23.56
C ARG C 167 -0.13 -8.68 -23.08
N VAL C 168 -0.35 -9.97 -22.82
CA VAL C 168 -1.67 -10.41 -22.33
C VAL C 168 -1.96 -9.79 -20.97
N LYS C 169 -1.02 -9.89 -20.03
CA LYS C 169 -1.24 -9.31 -18.70
C LYS C 169 -1.44 -7.81 -18.80
N TYR C 170 -0.55 -7.11 -19.51
CA TYR C 170 -0.65 -5.65 -19.58
C TYR C 170 -2.02 -5.22 -20.09
N LEU C 171 -2.51 -5.88 -21.14
CA LEU C 171 -3.78 -5.47 -21.72
C LEU C 171 -4.94 -5.79 -20.77
N CYS C 172 -4.90 -6.94 -20.11
CA CYS C 172 -5.98 -7.30 -19.20
C CYS C 172 -6.01 -6.36 -17.99
N TYR C 173 -4.84 -5.95 -17.51
CA TYR C 173 -4.78 -4.99 -16.42
C TYR C 173 -5.28 -3.63 -16.88
N THR C 174 -4.93 -3.23 -18.11
CA THR C 174 -5.43 -1.97 -18.66
C THR C 174 -6.96 -2.00 -18.79
N MET C 175 -7.50 -3.10 -19.34
CA MET C 175 -8.95 -3.24 -19.43
C MET C 175 -9.59 -3.18 -18.06
N LYS C 176 -8.94 -3.76 -17.06
CA LYS C 176 -9.49 -3.77 -15.71
C LYS C 176 -9.53 -2.36 -15.12
N VAL C 177 -8.44 -1.60 -15.25
CA VAL C 177 -8.44 -0.22 -14.79
C VAL C 177 -9.51 0.57 -15.51
N PHE C 178 -9.59 0.41 -16.84
CA PHE C 178 -10.53 1.18 -17.63
C PHE C 178 -11.97 0.96 -17.16
N THR C 179 -12.37 -0.31 -17.03
CA THR C 179 -13.77 -0.61 -16.67
C THR C 179 -14.07 -0.27 -15.21
N LYS C 180 -13.11 -0.46 -14.31
CA LYS C 180 -13.34 -0.07 -12.92
C LYS C 180 -13.51 1.44 -12.80
N MET C 181 -12.67 2.21 -13.51
CA MET C 181 -12.76 3.67 -13.42
C MET C 181 -14.07 4.19 -13.99
N CYS C 182 -14.63 3.51 -14.98
CA CYS C 182 -15.93 3.89 -15.53
C CYS C 182 -17.09 3.32 -14.72
N ASP C 183 -16.82 2.46 -13.74
CA ASP C 183 -17.83 1.88 -12.87
C ASP C 183 -18.78 0.98 -13.66
N ILE C 184 -18.23 0.19 -14.58
CA ILE C 184 -19.00 -0.74 -15.41
C ILE C 184 -18.49 -2.18 -15.26
N GLY C 185 -17.79 -2.46 -14.16
CA GLY C 185 -17.15 -3.74 -13.93
C GLY C 185 -17.67 -4.49 -12.71
N ASP C 186 -18.97 -4.40 -12.45
CA ASP C 186 -19.57 -5.08 -11.29
C ASP C 186 -20.93 -5.67 -11.74
N ALA C 187 -20.94 -6.98 -12.02
CA ALA C 187 -22.16 -7.65 -12.42
C ALA C 187 -23.19 -7.67 -11.29
N SER C 188 -22.76 -7.58 -10.03
CA SER C 188 -23.70 -7.51 -8.93
C SER C 188 -24.45 -6.18 -8.90
N ARG C 189 -24.06 -5.20 -9.71
CA ARG C 189 -24.79 -3.96 -9.86
C ARG C 189 -25.33 -3.77 -11.26
N GLY C 190 -25.35 -4.83 -12.09
CA GLY C 190 -25.96 -4.78 -13.39
C GLY C 190 -25.03 -4.50 -14.56
N SER C 191 -23.73 -4.35 -14.34
CA SER C 191 -22.80 -4.22 -15.47
C SER C 191 -22.11 -5.56 -15.69
N LEU C 192 -20.91 -5.57 -16.27
CA LEU C 192 -20.23 -6.81 -16.60
C LEU C 192 -19.14 -7.13 -15.58
N SER C 193 -18.92 -8.42 -15.35
CA SER C 193 -17.85 -8.85 -14.46
C SER C 193 -16.48 -8.66 -15.11
N SER C 194 -15.47 -8.50 -14.27
CA SER C 194 -14.12 -8.38 -14.80
C SER C 194 -13.72 -9.62 -15.58
N TYR C 195 -14.22 -10.80 -15.18
CA TYR C 195 -14.03 -12.02 -15.97
C TYR C 195 -14.53 -11.84 -17.39
N ALA C 196 -15.73 -11.27 -17.54
CA ALA C 196 -16.28 -11.05 -18.87
C ALA C 196 -15.41 -10.11 -19.70
N TYR C 197 -14.93 -9.02 -19.10
CA TYR C 197 -14.08 -8.10 -19.86
C TYR C 197 -12.76 -8.75 -20.24
N THR C 198 -12.25 -9.64 -19.39
CA THR C 198 -11.03 -10.37 -19.73
C THR C 198 -11.26 -11.29 -20.92
N LEU C 199 -12.46 -11.89 -21.02
CA LEU C 199 -12.78 -12.68 -22.21
C LEU C 199 -12.80 -11.81 -23.46
N MET C 200 -13.31 -10.57 -23.32
CA MET C 200 -13.30 -9.64 -24.44
C MET C 200 -11.86 -9.34 -24.90
N VAL C 201 -10.94 -9.19 -23.95
CA VAL C 201 -9.54 -8.94 -24.32
C VAL C 201 -8.97 -10.16 -25.04
N LEU C 202 -9.17 -11.35 -24.48
CA LEU C 202 -8.63 -12.56 -25.09
C LEU C 202 -9.22 -12.79 -26.48
N TYR C 203 -10.53 -12.58 -26.63
CA TYR C 203 -11.15 -12.71 -27.94
C TYR C 203 -10.52 -11.74 -28.95
N PHE C 204 -10.31 -10.49 -28.55
CA PHE C 204 -9.68 -9.53 -29.46
C PHE C 204 -8.30 -10.01 -29.89
N LEU C 205 -7.51 -10.54 -28.94
CA LEU C 205 -6.16 -10.98 -29.25
C LEU C 205 -6.15 -12.23 -30.14
N GLN C 206 -7.19 -13.07 -30.04
CA GLN C 206 -7.29 -14.25 -30.89
C GLN C 206 -7.68 -13.88 -32.31
N GLN C 207 -8.52 -12.87 -32.47
CA GLN C 207 -9.01 -12.46 -33.77
C GLN C 207 -8.12 -11.44 -34.44
N ARG C 208 -7.11 -10.94 -33.75
CA ARG C 208 -6.18 -9.99 -34.35
C ARG C 208 -5.43 -10.62 -35.51
N ASN C 209 -5.09 -9.78 -36.49
CA ASN C 209 -4.29 -10.23 -37.63
C ASN C 209 -2.90 -9.59 -37.62
N PRO C 210 -1.84 -10.38 -37.33
CA PRO C 210 -1.86 -11.80 -36.92
C PRO C 210 -2.23 -11.94 -35.45
N PRO C 211 -2.65 -13.13 -35.04
CA PRO C 211 -3.12 -13.31 -33.66
C PRO C 211 -1.99 -13.22 -32.66
N VAL C 212 -2.30 -12.62 -31.51
CA VAL C 212 -1.35 -12.52 -30.41
C VAL C 212 -1.36 -13.79 -29.57
N ILE C 213 -2.52 -14.43 -29.46
CA ILE C 213 -2.63 -15.69 -28.71
C ILE C 213 -3.40 -16.69 -29.55
N PRO C 214 -3.20 -17.99 -29.32
CA PRO C 214 -3.97 -18.98 -30.05
C PRO C 214 -5.30 -19.29 -29.37
N VAL C 215 -6.02 -20.27 -29.88
CA VAL C 215 -7.23 -20.79 -29.24
C VAL C 215 -6.81 -22.10 -28.58
N LEU C 216 -6.51 -22.05 -27.28
CA LEU C 216 -5.93 -23.22 -26.61
C LEU C 216 -6.86 -24.41 -26.64
N GLN C 217 -8.17 -24.19 -26.64
CA GLN C 217 -9.14 -25.29 -26.69
C GLN C 217 -9.20 -25.96 -28.06
N GLU C 218 -8.53 -25.42 -29.06
CA GLU C 218 -8.48 -26.02 -30.39
C GLU C 218 -7.08 -26.49 -30.75
N ILE C 219 -6.16 -26.53 -29.79
CA ILE C 219 -4.82 -27.08 -29.99
C ILE C 219 -4.72 -28.35 -29.19
N TYR C 220 -4.21 -29.42 -29.81
CA TYR C 220 -4.10 -30.69 -29.11
C TYR C 220 -3.16 -31.60 -29.88
N LYS C 221 -2.46 -32.45 -29.13
CA LYS C 221 -1.63 -33.49 -29.72
C LYS C 221 -2.52 -34.66 -30.12
N GLY C 222 -2.47 -35.05 -31.39
CA GLY C 222 -3.07 -36.28 -31.82
C GLY C 222 -4.29 -36.10 -32.69
N GLU C 223 -5.13 -37.14 -32.69
CA GLU C 223 -6.14 -37.32 -33.72
C GLU C 223 -7.32 -36.37 -33.54
N LYS C 224 -7.75 -36.15 -32.31
CA LYS C 224 -9.03 -35.50 -32.06
C LYS C 224 -8.95 -34.76 -30.74
N LYS C 225 -9.77 -33.73 -30.60
CA LYS C 225 -9.81 -32.95 -29.38
C LYS C 225 -10.20 -33.84 -28.21
N PRO C 226 -9.36 -33.98 -27.19
CA PRO C 226 -9.74 -34.78 -26.02
C PRO C 226 -11.03 -34.28 -25.39
N GLU C 227 -11.76 -35.19 -24.76
CA GLU C 227 -13.02 -34.89 -24.09
C GLU C 227 -12.86 -35.16 -22.62
N ILE C 228 -12.76 -34.11 -21.82
CA ILE C 228 -12.70 -34.18 -20.37
C ILE C 228 -13.91 -33.42 -19.86
N PHE C 229 -14.89 -34.15 -19.32
CA PHE C 229 -16.17 -33.55 -18.97
C PHE C 229 -16.23 -33.25 -17.48
N VAL C 230 -16.69 -32.03 -17.16
CA VAL C 230 -16.93 -31.60 -15.79
C VAL C 230 -18.24 -30.84 -15.76
N ASP C 231 -19.16 -31.26 -14.90
CA ASP C 231 -20.47 -30.62 -14.76
C ASP C 231 -21.18 -30.46 -16.10
N GLY C 232 -20.95 -31.41 -17.00
CA GLY C 232 -21.62 -31.43 -18.28
C GLY C 232 -20.89 -30.75 -19.42
N TRP C 233 -19.65 -30.32 -19.22
CA TRP C 233 -18.95 -29.53 -20.22
C TRP C 233 -17.53 -30.04 -20.41
N ASN C 234 -17.04 -29.98 -21.64
CA ASN C 234 -15.67 -30.36 -21.96
C ASN C 234 -14.72 -29.24 -21.56
N ILE C 235 -13.82 -29.53 -20.63
CA ILE C 235 -12.91 -28.53 -20.09
C ILE C 235 -11.48 -28.72 -20.60
N TYR C 236 -11.30 -29.46 -21.70
CA TYR C 236 -9.94 -29.62 -22.23
C TYR C 236 -9.43 -28.30 -22.80
N PHE C 237 -8.13 -28.07 -22.61
CA PHE C 237 -7.41 -27.04 -23.35
C PHE C 237 -5.93 -27.38 -23.26
N PHE C 238 -5.18 -26.85 -24.21
CA PHE C 238 -3.73 -27.06 -24.26
C PHE C 238 -3.05 -26.19 -23.22
N ASP C 239 -2.39 -26.81 -22.24
CA ASP C 239 -1.79 -26.10 -21.12
C ASP C 239 -0.28 -26.24 -21.07
N GLN C 240 0.34 -26.89 -22.06
CA GLN C 240 1.80 -27.05 -22.09
C GLN C 240 2.42 -25.88 -22.85
N ILE C 241 2.34 -24.71 -22.21
CA ILE C 241 2.65 -23.45 -22.88
C ILE C 241 4.09 -23.42 -23.36
N ASP C 242 5.01 -24.07 -22.63
CA ASP C 242 6.40 -24.09 -23.05
C ASP C 242 6.58 -24.79 -24.39
N GLU C 243 5.67 -25.69 -24.76
CA GLU C 243 5.73 -26.40 -26.03
C GLU C 243 4.87 -25.75 -27.10
N LEU C 244 4.33 -24.56 -26.83
CA LEU C 244 3.43 -23.92 -27.79
C LEU C 244 4.10 -23.63 -29.12
N PRO C 245 5.37 -23.20 -29.19
CA PRO C 245 5.98 -22.94 -30.50
C PRO C 245 5.96 -24.13 -31.43
N THR C 246 5.76 -25.34 -30.91
CA THR C 246 5.70 -26.53 -31.75
C THR C 246 4.31 -26.71 -32.35
N TYR C 247 3.26 -26.39 -31.59
CA TYR C 247 1.89 -26.67 -31.99
C TYR C 247 1.12 -25.44 -32.44
N TRP C 248 1.74 -24.26 -32.48
CA TRP C 248 1.08 -23.04 -32.92
C TRP C 248 1.92 -22.40 -34.02
N SER C 249 1.42 -22.46 -35.25
CA SER C 249 2.23 -22.04 -36.40
C SER C 249 2.45 -20.53 -36.40
N GLU C 250 1.44 -19.76 -36.05
CA GLU C 250 1.55 -18.30 -36.05
C GLU C 250 2.21 -17.74 -34.80
N CYS C 251 2.98 -18.55 -34.09
CA CYS C 251 3.62 -18.11 -32.85
C CYS C 251 4.63 -17.01 -33.14
N GLY C 252 4.55 -15.92 -32.39
CA GLY C 252 5.52 -14.85 -32.49
C GLY C 252 5.40 -13.97 -33.71
N LYS C 253 4.33 -14.09 -34.49
CA LYS C 253 4.21 -13.27 -35.69
C LYS C 253 3.77 -11.84 -35.39
N ASN C 254 2.94 -11.64 -34.38
CA ASN C 254 2.45 -10.30 -34.05
C ASN C 254 3.46 -9.60 -33.17
N THR C 255 3.91 -8.42 -33.62
CA THR C 255 4.91 -7.64 -32.88
C THR C 255 4.38 -6.26 -32.48
N GLU C 256 3.08 -6.07 -32.44
CA GLU C 256 2.54 -4.79 -32.01
C GLU C 256 2.89 -4.51 -30.55
N SER C 257 3.18 -3.25 -30.24
CA SER C 257 3.39 -2.86 -28.85
C SER C 257 2.08 -2.92 -28.08
N VAL C 258 2.19 -2.93 -26.75
CA VAL C 258 0.99 -3.00 -25.91
C VAL C 258 0.07 -1.83 -26.21
N GLY C 259 0.64 -0.63 -26.33
CA GLY C 259 -0.17 0.54 -26.62
C GLY C 259 -0.93 0.41 -27.93
N GLN C 260 -0.28 -0.16 -28.96
CA GLN C 260 -0.97 -0.40 -30.21
C GLN C 260 -2.17 -1.32 -30.02
N LEU C 261 -1.99 -2.38 -29.23
CA LEU C 261 -3.06 -3.35 -29.05
C LEU C 261 -4.21 -2.79 -28.22
N TRP C 262 -3.89 -1.96 -27.21
CA TRP C 262 -4.95 -1.37 -26.39
C TRP C 262 -5.82 -0.44 -27.24
N LEU C 263 -5.19 0.45 -28.00
CA LEU C 263 -5.97 1.30 -28.90
C LEU C 263 -6.69 0.45 -29.94
N GLY C 264 -6.03 -0.58 -30.45
CA GLY C 264 -6.68 -1.47 -31.39
C GLY C 264 -7.92 -2.14 -30.81
N LEU C 265 -7.84 -2.53 -29.53
CA LEU C 265 -9.00 -3.13 -28.88
C LEU C 265 -10.17 -2.15 -28.84
N LEU C 266 -9.91 -0.92 -28.40
CA LEU C 266 -10.97 0.08 -28.35
C LEU C 266 -11.58 0.30 -29.72
N ARG C 267 -10.76 0.38 -30.76
CA ARG C 267 -11.28 0.54 -32.11
C ARG C 267 -11.99 -0.72 -32.59
N PHE C 268 -11.50 -1.90 -32.20
CA PHE C 268 -12.12 -3.15 -32.63
C PHE C 268 -13.57 -3.23 -32.16
N TYR C 269 -13.82 -2.88 -30.91
CA TYR C 269 -15.15 -3.00 -30.33
C TYR C 269 -16.02 -1.77 -30.55
N THR C 270 -15.50 -0.70 -31.14
CA THR C 270 -16.32 0.44 -31.51
C THR C 270 -16.50 0.62 -33.01
N GLU C 271 -15.58 0.12 -33.82
CA GLU C 271 -15.61 0.30 -35.27
C GLU C 271 -15.91 -0.98 -36.04
N GLU C 272 -15.39 -2.13 -35.59
CA GLU C 272 -15.38 -3.36 -36.40
C GLU C 272 -16.35 -4.42 -35.90
N PHE C 273 -16.31 -4.78 -34.62
CA PHE C 273 -17.06 -5.93 -34.15
C PHE C 273 -18.56 -5.66 -34.23
N ASP C 274 -19.28 -6.63 -34.79
CA ASP C 274 -20.74 -6.55 -34.95
C ASP C 274 -21.39 -7.26 -33.76
N PHE C 275 -21.79 -6.48 -32.75
CA PHE C 275 -22.35 -7.07 -31.54
C PHE C 275 -23.65 -7.80 -31.83
N LYS C 276 -24.44 -7.33 -32.78
CA LYS C 276 -25.72 -7.94 -33.05
C LYS C 276 -25.60 -9.21 -33.89
N GLU C 277 -24.50 -9.38 -34.61
CA GLU C 277 -24.28 -10.53 -35.48
C GLU C 277 -23.44 -11.63 -34.82
N HIS C 278 -22.44 -11.28 -34.03
CA HIS C 278 -21.44 -12.24 -33.59
C HIS C 278 -21.34 -12.30 -32.07
N VAL C 279 -20.89 -13.45 -31.59
CA VAL C 279 -20.71 -13.72 -30.17
C VAL C 279 -19.22 -13.69 -29.86
N ILE C 280 -18.88 -13.10 -28.73
CA ILE C 280 -17.51 -13.11 -28.22
C ILE C 280 -17.26 -14.49 -27.60
N SER C 281 -16.43 -15.29 -28.26
CA SER C 281 -16.25 -16.70 -27.91
C SER C 281 -14.78 -17.07 -28.10
N ILE C 282 -14.09 -17.36 -26.99
CA ILE C 282 -12.66 -17.68 -27.04
C ILE C 282 -12.41 -19.17 -27.17
N ARG C 283 -13.45 -20.00 -27.27
CA ARG C 283 -13.25 -21.44 -27.42
C ARG C 283 -12.98 -21.85 -28.86
N ARG C 284 -13.22 -20.98 -29.83
CA ARG C 284 -13.09 -21.34 -31.24
C ARG C 284 -12.68 -20.10 -32.04
N LYS C 285 -11.77 -20.30 -32.99
CA LYS C 285 -11.31 -19.20 -33.84
C LYS C 285 -12.34 -18.80 -34.88
N SER C 286 -13.14 -19.75 -35.34
CA SER C 286 -14.18 -19.45 -36.31
C SER C 286 -15.25 -18.57 -35.68
N LEU C 287 -15.72 -17.58 -36.44
CA LEU C 287 -16.74 -16.67 -35.95
C LEU C 287 -17.99 -17.42 -35.52
N LEU C 288 -18.58 -16.96 -34.42
CA LEU C 288 -19.79 -17.55 -33.86
C LEU C 288 -20.90 -16.51 -33.91
N THR C 289 -22.00 -16.87 -34.55
CA THR C 289 -23.12 -15.95 -34.75
C THR C 289 -24.14 -16.09 -33.64
N THR C 290 -24.75 -14.96 -33.29
CA THR C 290 -25.86 -14.97 -32.34
C THR C 290 -27.02 -15.81 -32.86
N PHE C 291 -27.25 -15.82 -34.18
CA PHE C 291 -28.33 -16.62 -34.73
C PHE C 291 -28.14 -18.10 -34.40
N LYS C 292 -26.96 -18.64 -34.73
CA LYS C 292 -26.67 -20.04 -34.44
C LYS C 292 -26.78 -20.33 -32.96
N LYS C 293 -26.43 -19.36 -32.11
CA LYS C 293 -26.52 -19.53 -30.67
C LYS C 293 -27.93 -19.32 -30.14
N GLN C 294 -28.82 -18.70 -30.93
CA GLN C 294 -30.15 -18.32 -30.46
C GLN C 294 -30.07 -17.32 -29.30
N TRP C 295 -29.05 -16.48 -29.32
CA TRP C 295 -28.86 -15.41 -28.33
C TRP C 295 -29.04 -14.03 -28.96
N THR C 296 -30.07 -13.89 -29.80
CA THR C 296 -30.32 -12.63 -30.51
C THR C 296 -31.10 -11.63 -29.69
N SER C 297 -31.60 -12.03 -28.52
CA SER C 297 -32.39 -11.12 -27.69
C SER C 297 -31.49 -10.08 -27.07
N LYS C 298 -30.21 -10.39 -26.91
CA LYS C 298 -29.33 -9.53 -26.13
C LYS C 298 -28.44 -8.65 -26.99
N TYR C 299 -27.56 -7.94 -26.29
CA TYR C 299 -26.95 -6.70 -26.71
C TYR C 299 -25.45 -6.96 -26.91
N ILE C 300 -24.78 -7.10 -25.78
CA ILE C 300 -23.41 -7.61 -25.73
C ILE C 300 -23.46 -9.08 -25.36
N VAL C 301 -22.98 -9.96 -26.23
CA VAL C 301 -23.11 -11.40 -26.04
C VAL C 301 -21.72 -11.99 -25.88
N ILE C 302 -21.46 -12.61 -24.73
CA ILE C 302 -20.18 -13.20 -24.39
C ILE C 302 -20.41 -14.62 -23.90
N GLU C 303 -19.80 -15.59 -24.58
CA GLU C 303 -19.97 -17.01 -24.26
C GLU C 303 -18.88 -17.49 -23.32
N ASP C 304 -19.27 -18.21 -22.27
CA ASP C 304 -18.26 -18.79 -21.40
C ASP C 304 -17.46 -19.84 -22.17
N PRO C 305 -16.14 -19.91 -21.96
CA PRO C 305 -15.34 -20.88 -22.74
C PRO C 305 -15.70 -22.33 -22.49
N PHE C 306 -16.26 -22.66 -21.33
CA PHE C 306 -16.61 -24.03 -20.98
C PHE C 306 -18.12 -24.25 -20.89
N ASP C 307 -18.81 -23.43 -20.10
CA ASP C 307 -20.26 -23.51 -19.94
C ASP C 307 -20.91 -22.78 -21.11
N LEU C 308 -21.15 -23.51 -22.19
CA LEU C 308 -21.60 -22.88 -23.44
C LEU C 308 -23.03 -22.37 -23.36
N ASN C 309 -23.79 -22.68 -22.31
CA ASN C 309 -25.11 -22.09 -22.14
C ASN C 309 -25.07 -20.77 -21.38
N HIS C 310 -23.90 -20.33 -20.93
CA HIS C 310 -23.80 -19.12 -20.10
C HIS C 310 -23.40 -17.94 -20.97
N ASN C 311 -24.33 -17.01 -21.14
CA ASN C 311 -24.03 -15.73 -21.78
C ASN C 311 -23.71 -14.72 -20.69
N LEU C 312 -22.45 -14.29 -20.61
CA LEU C 312 -22.02 -13.39 -19.56
C LEU C 312 -22.69 -12.03 -19.64
N GLY C 313 -23.27 -11.68 -20.80
CA GLY C 313 -23.97 -10.44 -20.99
C GLY C 313 -25.47 -10.53 -20.81
N ALA C 314 -25.97 -11.64 -20.24
CA ALA C 314 -27.41 -11.86 -20.16
C ALA C 314 -28.10 -10.88 -19.22
N GLY C 315 -27.38 -10.30 -18.27
CA GLY C 315 -27.97 -9.39 -17.31
C GLY C 315 -28.01 -7.95 -17.71
N LEU C 316 -27.50 -7.58 -18.88
CA LEU C 316 -27.40 -6.18 -19.26
C LEU C 316 -28.73 -5.64 -19.76
N SER C 317 -29.13 -4.49 -19.24
CA SER C 317 -30.27 -3.75 -19.77
C SER C 317 -29.81 -2.93 -20.98
N ARG C 318 -30.77 -2.25 -21.59
CA ARG C 318 -30.49 -1.39 -22.73
C ARG C 318 -29.75 -0.13 -22.29
N LYS C 319 -30.13 0.43 -21.14
CA LYS C 319 -29.45 1.62 -20.64
C LYS C 319 -28.01 1.31 -20.30
N MET C 320 -27.77 0.20 -19.59
CA MET C 320 -26.41 -0.15 -19.21
C MET C 320 -25.56 -0.42 -20.44
N THR C 321 -26.12 -1.09 -21.45
CA THR C 321 -25.37 -1.33 -22.68
C THR C 321 -24.94 -0.02 -23.33
N ASN C 322 -25.87 0.94 -23.41
CA ASN C 322 -25.54 2.24 -23.98
C ASN C 322 -24.44 2.93 -23.17
N PHE C 323 -24.51 2.83 -21.84
CA PHE C 323 -23.49 3.44 -20.99
C PHE C 323 -22.12 2.82 -21.24
N ILE C 324 -22.06 1.49 -21.38
CA ILE C 324 -20.79 0.82 -21.63
C ILE C 324 -20.22 1.23 -22.97
N MET C 325 -21.05 1.20 -24.02
CA MET C 325 -20.55 1.58 -25.35
C MET C 325 -20.10 3.04 -25.36
N LYS C 326 -20.83 3.92 -24.68
CA LYS C 326 -20.40 5.31 -24.61
C LYS C 326 -19.02 5.42 -23.96
N ALA C 327 -18.77 4.62 -22.92
CA ALA C 327 -17.46 4.65 -22.27
C ALA C 327 -16.37 4.23 -23.25
N PHE C 328 -16.58 3.13 -23.97
CA PHE C 328 -15.56 2.67 -24.92
C PHE C 328 -15.35 3.67 -26.06
N ILE C 329 -16.41 4.35 -26.50
CA ILE C 329 -16.26 5.36 -27.54
C ILE C 329 -15.41 6.53 -27.03
N ASN C 330 -15.64 6.95 -25.79
CA ASN C 330 -14.85 8.04 -25.25
C ASN C 330 -13.42 7.59 -24.98
N GLY C 331 -13.24 6.34 -24.57
CA GLY C 331 -11.89 5.81 -24.43
C GLY C 331 -11.13 5.82 -25.75
N ARG C 332 -11.80 5.41 -26.82
CA ARG C 332 -11.19 5.48 -28.15
C ARG C 332 -10.68 6.89 -28.45
N ARG C 333 -11.45 7.91 -28.09
CA ARG C 333 -11.07 9.28 -28.38
C ARG C 333 -9.85 9.69 -27.54
N VAL C 334 -9.88 9.41 -26.24
CA VAL C 334 -8.81 9.88 -25.34
C VAL C 334 -7.51 9.15 -25.63
N PHE C 335 -7.58 7.84 -25.90
CA PHE C 335 -6.39 7.06 -26.19
C PHE C 335 -5.95 7.16 -27.64
N GLY C 336 -6.80 7.68 -28.53
CA GLY C 336 -6.48 7.73 -29.94
C GLY C 336 -6.13 9.11 -30.47
N ILE C 337 -6.44 10.15 -29.71
CA ILE C 337 -6.20 11.54 -30.14
C ILE C 337 -5.29 12.23 -29.13
N PRO C 338 -4.02 12.49 -29.48
CA PRO C 338 -3.13 13.23 -28.57
C PRO C 338 -3.70 14.56 -28.10
N PRO C 343 2.59 16.14 -23.17
CA PRO C 343 2.47 15.61 -21.81
C PRO C 343 3.10 16.50 -20.74
N LYS C 344 3.53 17.70 -21.13
CA LYS C 344 4.28 18.56 -20.22
C LYS C 344 3.40 19.20 -19.17
N ASP C 345 2.11 19.38 -19.46
CA ASP C 345 1.17 19.97 -18.51
C ASP C 345 0.43 18.92 -17.69
N TYR C 346 0.81 17.65 -17.79
CA TYR C 346 0.13 16.58 -17.07
C TYR C 346 1.16 15.80 -16.27
N PRO C 347 1.23 16.02 -14.95
CA PRO C 347 2.19 15.26 -14.14
C PRO C 347 1.80 13.80 -13.92
N SER C 348 0.57 13.41 -14.28
CA SER C 348 0.15 12.02 -14.17
C SER C 348 -0.58 11.63 -15.44
N LYS C 349 0.03 10.73 -16.21
CA LYS C 349 -0.63 10.21 -17.40
C LYS C 349 -1.87 9.41 -17.02
N MET C 350 -1.83 8.73 -15.86
CA MET C 350 -2.98 7.91 -15.45
C MET C 350 -4.22 8.77 -15.22
N GLU C 351 -4.05 9.92 -14.56
CA GLU C 351 -5.20 10.78 -14.30
C GLU C 351 -5.77 11.38 -15.58
N TYR C 352 -4.94 11.59 -16.60
CA TYR C 352 -5.45 12.12 -17.86
C TYR C 352 -6.24 11.07 -18.64
N PHE C 353 -5.66 9.89 -18.84
CA PHE C 353 -6.29 8.90 -19.70
C PHE C 353 -7.52 8.25 -19.05
N PHE C 354 -7.53 8.09 -17.73
CA PHE C 354 -8.60 7.41 -17.02
C PHE C 354 -9.43 8.39 -16.19
N ASP C 355 -9.73 9.55 -16.77
CA ASP C 355 -10.56 10.57 -16.13
C ASP C 355 -12.03 10.20 -16.28
N PRO C 356 -12.72 9.83 -15.20
CA PRO C 356 -14.13 9.44 -15.35
C PRO C 356 -15.00 10.56 -15.91
N ASP C 357 -14.69 11.82 -15.59
CA ASP C 357 -15.47 12.94 -16.09
C ASP C 357 -15.40 13.02 -17.62
N VAL C 358 -14.34 12.50 -18.22
CA VAL C 358 -14.24 12.44 -19.68
C VAL C 358 -14.84 11.14 -20.23
N LEU C 359 -14.47 10.00 -19.63
CA LEU C 359 -14.89 8.72 -20.17
C LEU C 359 -16.41 8.51 -20.04
N THR C 360 -16.99 8.92 -18.92
CA THR C 360 -18.43 8.77 -18.70
C THR C 360 -19.16 10.12 -18.69
N GLU C 361 -18.47 11.21 -19.01
CA GLU C 361 -19.10 12.52 -19.14
C GLU C 361 -19.83 12.90 -17.85
N GLY C 362 -19.22 12.59 -16.71
CA GLY C 362 -19.77 12.95 -15.42
C GLY C 362 -20.96 12.16 -14.97
N GLU C 363 -21.57 11.37 -15.85
CA GLU C 363 -22.75 10.60 -15.48
C GLU C 363 -22.34 9.36 -14.69
N LEU C 364 -23.24 8.92 -13.83
CA LEU C 364 -23.04 7.68 -13.10
C LEU C 364 -23.68 6.52 -13.86
N ALA C 365 -23.18 5.32 -13.58
CA ALA C 365 -23.70 4.14 -14.24
C ALA C 365 -25.15 3.89 -13.81
N PRO C 366 -26.02 3.49 -14.73
CA PRO C 366 -27.41 3.22 -14.36
C PRO C 366 -27.52 2.10 -13.33
N ASN C 367 -28.53 2.21 -12.46
CA ASN C 367 -28.73 1.26 -11.38
C ASN C 367 -30.19 0.85 -11.27
N ASP C 368 -30.90 0.83 -12.41
CA ASP C 368 -32.34 0.60 -12.36
C ASP C 368 -32.71 -0.80 -11.90
N ARG C 369 -31.89 -1.80 -12.23
CA ARG C 369 -32.18 -3.17 -11.82
C ARG C 369 -31.74 -3.47 -10.41
N CYS C 370 -31.21 -2.48 -9.68
CA CYS C 370 -30.63 -2.71 -8.36
C CYS C 370 -31.67 -2.52 -7.27
N CYS C 371 -31.61 -3.39 -6.26
CA CYS C 371 -32.41 -3.24 -5.05
C CYS C 371 -32.13 -1.88 -4.41
N ARG C 372 -33.19 -1.15 -4.06
CA ARG C 372 -32.98 0.18 -3.51
C ARG C 372 -32.37 0.16 -2.11
N ILE C 373 -32.33 -1.01 -1.46
CA ILE C 373 -31.80 -1.11 -0.10
C ILE C 373 -30.29 -1.32 -0.14
N CYS C 374 -29.86 -2.38 -0.81
CA CYS C 374 -28.46 -2.79 -0.80
C CYS C 374 -27.72 -2.44 -2.08
N GLY C 375 -28.43 -2.06 -3.14
CA GLY C 375 -27.79 -1.64 -4.37
C GLY C 375 -27.37 -2.77 -5.29
N LYS C 376 -27.73 -4.01 -4.98
CA LYS C 376 -27.36 -5.16 -5.80
C LYS C 376 -28.56 -5.63 -6.61
N ILE C 377 -28.27 -6.37 -7.67
CA ILE C 377 -29.30 -6.95 -8.52
C ILE C 377 -29.61 -8.35 -8.03
N GLY C 378 -30.67 -8.95 -8.58
CA GLY C 378 -30.92 -10.36 -8.42
C GLY C 378 -31.97 -10.76 -7.42
N HIS C 379 -32.58 -9.81 -6.70
CA HIS C 379 -33.61 -10.17 -5.76
C HIS C 379 -34.63 -9.03 -5.63
N PHE C 380 -35.88 -9.40 -5.41
CA PHE C 380 -36.88 -8.41 -5.04
C PHE C 380 -36.70 -8.11 -3.56
N MET C 381 -37.21 -6.95 -3.14
CA MET C 381 -36.91 -6.53 -1.78
C MET C 381 -37.44 -7.52 -0.74
N LYS C 382 -38.43 -8.37 -1.08
CA LYS C 382 -38.91 -9.35 -0.11
C LYS C 382 -37.78 -10.25 0.35
N ASP C 383 -36.79 -10.50 -0.50
CA ASP C 383 -35.72 -11.42 -0.15
C ASP C 383 -34.37 -10.73 0.06
N CYS C 384 -34.36 -9.42 0.29
CA CYS C 384 -33.11 -8.71 0.48
C CYS C 384 -32.50 -9.06 1.83
N PRO C 385 -31.23 -9.48 1.89
CA PRO C 385 -30.62 -9.75 3.19
C PRO C 385 -30.53 -8.53 4.10
N MET C 386 -30.42 -7.33 3.53
CA MET C 386 -30.26 -6.12 4.34
C MET C 386 -31.62 -5.60 4.80
#